data_7OFY
#
_entry.id   7OFY
#
_cell.length_a   53.795
_cell.length_b   137.802
_cell.length_c   54.068
_cell.angle_alpha   90.000
_cell.angle_beta   118.710
_cell.angle_gamma   90.000
#
_symmetry.space_group_name_H-M   'P 1 21 1'
#
loop_
_entity.id
_entity.type
_entity.pdbx_description
1 polymer 'Sulfoquinovosyl binding protein'
2 non-polymer '[(2S,3S,4S,5R,6S)-6-[(2R)-2,3-bis(oxidanyl)propoxy]-3,4,5-tris(oxidanyl)oxan-2-yl]methanesulfonic acid'
3 non-polymer 1,2-ETHANEDIOL
4 water water
#
_entity_poly.entity_id   1
_entity_poly.type   'polypeptide(L)'
_entity_poly.pdbx_seq_one_letter_code
;MDAELKIFVSSQHQPDIWRKALDQYEAKTPGVKVVIETGGNTSEMQAQYLNTVMSAKDSSLDVLMLDVIRPAQFATAGWT
SDFSGKDLSAYLPTYAEANTVNGKIVALPAFADSMFLYYRKDLLDKYGIKPPTTWDELKEASKKVMEGEKNPELQGLSFQ
GKAIEGAVCTFLLPYWSEGKSLVENGKLNFDNKAAVDSLKLWKSFVDDGISKKNISEVATDDTRKEFQAGKVLFAVNWSY
AWTHFQGKESQVNDKVGVARLPAVKGGEQTTCLGGWEFGVSAYSKQQDEAKKLVEYLSSQDVSKFMAINAALLPTYAALY
KDADVTKTIPWFADALPVVETAKARPVTPRYNEVSETIRTTVNGVLAGVMTPEDGAKQMESRLRRVLRLEHHHHHH
;
_entity_poly.pdbx_strand_id   A,B
#
# COMPACT_ATOMS: atom_id res chain seq x y z
N MET A 1 -15.44 30.70 -7.82
CA MET A 1 -15.17 29.49 -7.03
C MET A 1 -13.94 28.76 -7.51
N ASP A 2 -13.31 28.01 -6.60
CA ASP A 2 -12.17 27.18 -6.98
C ASP A 2 -12.62 26.05 -7.90
N ALA A 3 -11.80 25.75 -8.89
CA ALA A 3 -11.93 24.51 -9.64
C ALA A 3 -11.25 23.41 -8.85
N GLU A 4 -12.00 22.38 -8.47
CA GLU A 4 -11.45 21.27 -7.70
C GLU A 4 -11.25 20.10 -8.67
N LEU A 5 -10.07 20.01 -9.24
CA LEU A 5 -9.79 18.95 -10.19
C LEU A 5 -9.51 17.65 -9.45
N LYS A 6 -10.01 16.55 -10.01
CA LYS A 6 -9.72 15.22 -9.49
C LYS A 6 -8.83 14.50 -10.49
N ILE A 7 -7.70 13.98 -10.01
CA ILE A 7 -6.76 13.24 -10.86
C ILE A 7 -6.63 11.84 -10.30
N PHE A 8 -6.74 10.84 -11.19
CA PHE A 8 -6.67 9.44 -10.81
C PHE A 8 -5.22 8.99 -10.82
N VAL A 9 -4.70 8.57 -9.65
CA VAL A 9 -3.30 8.13 -9.49
C VAL A 9 -3.28 6.82 -8.73
N SER A 10 -2.58 5.82 -9.27
CA SER A 10 -2.40 4.55 -8.56
C SER A 10 -1.66 4.73 -7.24
N SER A 11 -2.07 3.97 -6.22
N SER A 11 -2.07 3.96 -6.22
CA SER A 11 -1.33 3.97 -4.96
CA SER A 11 -1.34 3.94 -4.95
C SER A 11 0.10 3.49 -5.11
C SER A 11 0.10 3.51 -5.12
N GLN A 12 0.43 2.85 -6.24
CA GLN A 12 1.78 2.33 -6.47
C GLN A 12 2.67 3.33 -7.20
N HIS A 13 2.11 4.45 -7.63
CA HIS A 13 2.82 5.42 -8.46
C HIS A 13 3.31 6.63 -7.66
N GLN A 14 3.53 6.45 -6.35
CA GLN A 14 4.12 7.46 -5.46
C GLN A 14 3.31 8.74 -5.48
N PRO A 15 2.03 8.65 -5.13
CA PRO A 15 1.19 9.85 -5.09
C PRO A 15 1.71 10.95 -4.18
N ASP A 16 2.46 10.63 -3.11
CA ASP A 16 3.01 11.68 -2.28
C ASP A 16 4.01 12.56 -3.04
N ILE A 17 4.70 12.01 -4.04
CA ILE A 17 5.65 12.82 -4.84
C ILE A 17 4.89 13.63 -5.89
N TRP A 18 3.91 13.02 -6.54
CA TRP A 18 3.05 13.78 -7.44
C TRP A 18 2.37 14.94 -6.70
N ARG A 19 1.97 14.71 -5.44
CA ARG A 19 1.36 15.75 -4.63
C ARG A 19 2.26 16.97 -4.50
N LYS A 20 3.59 16.76 -4.44
CA LYS A 20 4.51 17.91 -4.39
C LYS A 20 4.44 18.73 -5.67
N ALA A 21 4.41 18.05 -6.81
CA ALA A 21 4.26 18.76 -8.09
C ALA A 21 2.91 19.45 -8.18
N LEU A 22 1.86 18.81 -7.67
CA LEU A 22 0.54 19.44 -7.70
C LEU A 22 0.49 20.64 -6.77
N ASP A 23 1.17 20.57 -5.61
CA ASP A 23 1.25 21.73 -4.74
C ASP A 23 1.88 22.92 -5.45
N GLN A 24 2.95 22.67 -6.22
CA GLN A 24 3.58 23.74 -6.99
C GLN A 24 2.61 24.32 -8.01
N TYR A 25 1.85 23.46 -8.69
CA TYR A 25 0.90 23.93 -9.68
C TYR A 25 -0.14 24.85 -9.02
N GLU A 26 -0.67 24.43 -7.87
CA GLU A 26 -1.64 25.26 -7.17
C GLU A 26 -1.05 26.60 -6.77
N ALA A 27 0.21 26.61 -6.34
CA ALA A 27 0.85 27.84 -5.88
C ALA A 27 0.98 28.87 -6.99
N LYS A 28 1.06 28.42 -8.24
CA LYS A 28 1.19 29.34 -9.38
C LYS A 28 -0.10 29.50 -10.17
N THR A 29 -1.18 28.82 -9.79
CA THR A 29 -2.44 28.86 -10.52
C THR A 29 -3.59 29.28 -9.62
N PRO A 30 -3.96 30.56 -9.59
CA PRO A 30 -5.04 31.00 -8.69
C PRO A 30 -6.37 30.38 -9.10
N GLY A 31 -7.15 29.99 -8.09
CA GLY A 31 -8.47 29.44 -8.33
C GLY A 31 -8.50 27.99 -8.75
N VAL A 32 -7.40 27.24 -8.60
CA VAL A 32 -7.37 25.83 -8.99
C VAL A 32 -6.82 25.00 -7.85
N LYS A 33 -7.58 24.00 -7.43
CA LYS A 33 -7.14 23.02 -6.45
C LYS A 33 -7.19 21.63 -7.09
N VAL A 34 -6.26 20.76 -6.71
CA VAL A 34 -6.21 19.41 -7.24
C VAL A 34 -6.28 18.41 -6.09
N VAL A 35 -7.09 17.37 -6.27
CA VAL A 35 -7.24 16.29 -5.29
C VAL A 35 -6.94 14.96 -5.98
N ILE A 36 -6.14 14.12 -5.31
CA ILE A 36 -5.79 12.81 -5.85
C ILE A 36 -6.85 11.81 -5.48
N GLU A 37 -7.37 11.11 -6.47
CA GLU A 37 -8.25 9.99 -6.27
C GLU A 37 -7.41 8.73 -6.43
N THR A 38 -7.35 7.93 -5.37
CA THR A 38 -6.42 6.82 -5.27
C THR A 38 -6.89 5.62 -6.09
N GLY A 39 -6.01 5.10 -6.95
CA GLY A 39 -6.29 3.88 -7.68
C GLY A 39 -5.61 2.64 -7.09
N GLY A 40 -6.02 1.47 -7.60
CA GLY A 40 -5.44 0.22 -7.18
C GLY A 40 -3.97 0.13 -7.56
N ASN A 41 -3.27 -0.83 -6.93
CA ASN A 41 -1.83 -0.93 -7.15
C ASN A 41 -1.50 -1.32 -8.59
N THR A 42 -2.22 -2.28 -9.15
CA THR A 42 -1.83 -2.82 -10.45
C THR A 42 -2.79 -2.39 -11.55
N SER A 43 -2.25 -2.39 -12.76
CA SER A 43 -2.90 -1.75 -13.90
C SER A 43 -4.26 -2.35 -14.21
N GLU A 44 -4.42 -3.67 -14.05
CA GLU A 44 -5.70 -4.28 -14.40
C GLU A 44 -6.78 -4.01 -13.36
N MET A 45 -6.39 -3.74 -12.10
CA MET A 45 -7.38 -3.30 -11.13
C MET A 45 -7.81 -1.87 -11.43
N GLN A 46 -6.85 -1.03 -11.84
CA GLN A 46 -7.20 0.31 -12.27
C GLN A 46 -8.16 0.26 -13.46
N ALA A 47 -7.89 -0.64 -14.41
CA ALA A 47 -8.74 -0.76 -15.60
C ALA A 47 -10.17 -1.15 -15.22
N GLN A 48 -10.34 -2.05 -14.26
CA GLN A 48 -11.70 -2.44 -13.88
C GLN A 48 -12.45 -1.24 -13.30
N TYR A 49 -11.78 -0.47 -12.43
CA TYR A 49 -12.38 0.73 -11.87
C TYR A 49 -12.71 1.74 -12.98
N LEU A 50 -11.74 2.02 -13.87
CA LEU A 50 -12.01 3.01 -14.92
C LEU A 50 -13.10 2.53 -15.89
N ASN A 51 -13.15 1.24 -16.22
CA ASN A 51 -14.23 0.75 -17.08
C ASN A 51 -15.59 1.03 -16.45
N THR A 52 -15.68 0.90 -15.12
CA THR A 52 -16.93 1.14 -14.42
C THR A 52 -17.33 2.61 -14.48
N VAL A 53 -16.41 3.52 -14.14
CA VAL A 53 -16.80 4.93 -14.07
C VAL A 53 -16.99 5.49 -15.48
N MET A 54 -16.14 5.09 -16.44
CA MET A 54 -16.33 5.61 -17.80
C MET A 54 -17.59 5.06 -18.44
N SER A 55 -17.92 3.79 -18.18
CA SER A 55 -19.17 3.26 -18.72
C SER A 55 -20.39 3.95 -18.15
N ALA A 56 -20.31 4.38 -16.88
CA ALA A 56 -21.39 5.13 -16.26
C ALA A 56 -21.39 6.61 -16.66
N LYS A 57 -20.38 7.05 -17.40
CA LYS A 57 -20.25 8.45 -17.83
C LYS A 57 -20.18 9.38 -16.63
N ASP A 58 -19.51 8.90 -15.59
CA ASP A 58 -19.35 9.66 -14.35
C ASP A 58 -18.43 10.86 -14.60
N SER A 59 -18.90 12.05 -14.26
CA SER A 59 -18.17 13.28 -14.51
C SER A 59 -17.17 13.64 -13.39
N SER A 60 -17.02 12.81 -12.37
CA SER A 60 -16.28 13.25 -11.19
C SER A 60 -14.79 13.32 -11.44
N LEU A 61 -14.23 12.39 -12.23
CA LEU A 61 -12.80 12.41 -12.55
C LEU A 61 -12.51 13.39 -13.69
N ASP A 62 -11.41 14.13 -13.57
CA ASP A 62 -11.01 15.07 -14.61
C ASP A 62 -9.77 14.61 -15.38
N VAL A 63 -8.75 14.15 -14.68
CA VAL A 63 -7.50 13.71 -15.31
C VAL A 63 -7.25 12.25 -14.93
N LEU A 64 -6.88 11.43 -15.92
CA LEU A 64 -6.67 10.01 -15.69
C LEU A 64 -5.23 9.67 -15.99
N MET A 65 -4.59 8.94 -15.09
N MET A 65 -4.57 8.95 -15.08
CA MET A 65 -3.28 8.36 -15.40
CA MET A 65 -3.26 8.37 -15.39
C MET A 65 -3.51 6.97 -15.97
C MET A 65 -3.50 6.97 -15.97
N LEU A 66 -3.03 6.74 -17.19
CA LEU A 66 -3.31 5.53 -17.94
C LEU A 66 -2.02 4.82 -18.36
N ASP A 67 -2.08 3.49 -18.32
CA ASP A 67 -0.95 2.65 -18.75
C ASP A 67 -0.72 2.77 -20.26
N VAL A 68 0.52 2.50 -20.68
CA VAL A 68 0.88 2.62 -22.10
C VAL A 68 0.04 1.70 -23.01
N ILE A 69 -0.61 0.67 -22.44
CA ILE A 69 -1.43 -0.24 -23.24
C ILE A 69 -2.90 0.20 -23.33
N ARG A 70 -3.27 1.35 -22.78
CA ARG A 70 -4.65 1.83 -22.76
C ARG A 70 -5.11 2.68 -23.94
N PRO A 71 -4.23 3.44 -24.63
CA PRO A 71 -4.74 4.42 -25.60
C PRO A 71 -5.70 3.87 -26.65
N ALA A 72 -5.48 2.66 -27.16
CA ALA A 72 -6.36 2.16 -28.22
C ALA A 72 -7.79 1.99 -27.69
N GLN A 73 -7.95 1.44 -26.49
CA GLN A 73 -9.29 1.32 -25.91
C GLN A 73 -9.90 2.69 -25.64
N PHE A 74 -9.14 3.59 -25.03
CA PHE A 74 -9.73 4.86 -24.62
C PHE A 74 -10.01 5.76 -25.82
N ALA A 75 -9.20 5.68 -26.88
CA ALA A 75 -9.47 6.44 -28.09
C ALA A 75 -10.73 5.92 -28.79
N THR A 76 -10.81 4.61 -29.02
CA THR A 76 -11.95 4.08 -29.77
C THR A 76 -13.25 4.21 -28.98
N ALA A 77 -13.17 4.18 -27.65
CA ALA A 77 -14.36 4.32 -26.82
C ALA A 77 -14.85 5.76 -26.72
N GLY A 78 -14.04 6.73 -27.12
CA GLY A 78 -14.41 8.13 -26.93
C GLY A 78 -14.34 8.56 -25.47
N TRP A 79 -13.42 7.99 -24.71
CA TRP A 79 -13.36 8.23 -23.28
C TRP A 79 -12.38 9.34 -22.88
N THR A 80 -11.55 9.83 -23.78
CA THR A 80 -10.70 10.97 -23.47
C THR A 80 -10.97 12.09 -24.47
N SER A 81 -10.60 13.30 -24.06
CA SER A 81 -10.64 14.47 -24.93
C SER A 81 -9.30 14.59 -25.62
N ASP A 82 -9.33 14.72 -26.94
CA ASP A 82 -8.08 14.54 -27.67
C ASP A 82 -7.29 15.85 -27.73
N PHE A 83 -5.98 15.70 -27.86
CA PHE A 83 -5.04 16.79 -28.09
C PHE A 83 -4.63 16.87 -29.56
N SER A 84 -5.40 16.29 -30.47
CA SER A 84 -4.98 16.26 -31.86
C SER A 84 -4.71 17.68 -32.35
N GLY A 85 -3.74 17.80 -33.25
CA GLY A 85 -3.19 19.09 -33.60
C GLY A 85 -1.98 19.49 -32.80
N LYS A 86 -1.70 18.81 -31.69
CA LYS A 86 -0.53 19.12 -30.90
C LYS A 86 0.71 18.42 -31.44
N ASP A 87 1.81 19.17 -31.50
CA ASP A 87 3.10 18.65 -31.91
C ASP A 87 3.71 17.87 -30.75
N LEU A 88 3.90 16.56 -30.91
CA LEU A 88 4.50 15.73 -29.87
C LEU A 88 5.99 15.50 -30.08
N SER A 89 6.63 16.28 -30.95
CA SER A 89 8.00 15.98 -31.34
C SER A 89 9.00 16.20 -30.21
N ALA A 90 8.61 16.89 -29.13
CA ALA A 90 9.51 17.04 -28.00
C ALA A 90 9.69 15.76 -27.20
N TYR A 91 8.72 14.83 -27.26
CA TYR A 91 8.78 13.60 -26.49
C TYR A 91 9.55 12.52 -27.25
N LEU A 92 9.94 11.48 -26.51
CA LEU A 92 10.50 10.29 -27.14
C LEU A 92 9.54 9.77 -28.22
N PRO A 93 10.03 9.48 -29.42
CA PRO A 93 9.13 8.96 -30.47
C PRO A 93 8.33 7.73 -30.04
N THR A 94 8.94 6.85 -29.24
CA THR A 94 8.24 5.70 -28.69
C THR A 94 6.90 6.10 -28.07
N TYR A 95 6.90 7.15 -27.26
CA TYR A 95 5.69 7.53 -26.54
C TYR A 95 4.80 8.48 -27.32
N ALA A 96 5.35 9.28 -28.23
CA ALA A 96 4.49 10.00 -29.15
C ALA A 96 3.63 9.03 -29.95
N GLU A 97 4.23 7.93 -30.40
CA GLU A 97 3.49 6.91 -31.16
C GLU A 97 2.47 6.19 -30.28
N ALA A 98 2.85 5.83 -29.06
CA ALA A 98 1.94 5.11 -28.17
C ALA A 98 0.66 5.88 -27.91
N ASN A 99 0.74 7.21 -27.86
CA ASN A 99 -0.39 8.04 -27.49
C ASN A 99 -1.15 8.58 -28.68
N THR A 100 -0.82 8.13 -29.89
CA THR A 100 -1.52 8.52 -31.09
C THR A 100 -2.29 7.30 -31.61
N VAL A 101 -3.59 7.46 -31.82
CA VAL A 101 -4.43 6.37 -32.31
C VAL A 101 -5.24 6.89 -33.48
N ASN A 102 -5.04 6.30 -34.66
CA ASN A 102 -5.72 6.77 -35.87
C ASN A 102 -5.50 8.26 -36.09
N GLY A 103 -4.26 8.72 -35.84
CA GLY A 103 -3.95 10.13 -35.94
C GLY A 103 -4.46 10.99 -34.81
N LYS A 104 -5.26 10.44 -33.89
CA LYS A 104 -5.81 11.19 -32.77
C LYS A 104 -4.86 11.09 -31.58
N ILE A 105 -4.50 12.24 -31.00
CA ILE A 105 -3.64 12.24 -29.82
C ILE A 105 -4.53 12.11 -28.59
N VAL A 106 -4.42 10.99 -27.89
CA VAL A 106 -5.40 10.66 -26.86
C VAL A 106 -4.98 11.13 -25.48
N ALA A 107 -3.71 11.44 -25.27
CA ALA A 107 -3.17 11.70 -23.94
C ALA A 107 -1.75 12.24 -24.12
N LEU A 108 -1.20 12.83 -23.06
CA LEU A 108 0.19 13.25 -23.13
C LEU A 108 1.06 12.38 -22.22
N PRO A 109 2.27 12.03 -22.66
CA PRO A 109 3.13 11.15 -21.84
C PRO A 109 3.32 11.67 -20.42
N ALA A 110 3.29 10.74 -19.46
CA ALA A 110 3.54 11.04 -18.05
C ALA A 110 4.94 10.60 -17.62
N PHE A 111 5.26 9.32 -17.80
CA PHE A 111 6.63 8.88 -17.61
C PHE A 111 6.87 7.61 -18.40
N ALA A 112 8.15 7.36 -18.68
CA ALA A 112 8.54 6.16 -19.40
C ALA A 112 8.80 5.01 -18.43
N ASP A 113 8.95 3.81 -18.98
CA ASP A 113 9.30 2.68 -18.12
C ASP A 113 9.77 1.51 -18.96
N SER A 114 10.56 0.64 -18.33
CA SER A 114 10.96 -0.64 -18.90
C SER A 114 11.34 -1.56 -17.75
N MET A 115 11.37 -2.87 -18.03
CA MET A 115 11.76 -3.84 -17.02
C MET A 115 13.28 -4.00 -17.02
N PHE A 116 13.85 -4.11 -15.82
CA PHE A 116 15.28 -4.30 -15.61
C PHE A 116 15.51 -5.48 -14.67
N LEU A 117 16.75 -5.98 -14.65
CA LEU A 117 17.17 -6.97 -13.65
C LEU A 117 17.87 -6.23 -12.51
N TYR A 118 17.24 -6.19 -11.35
CA TYR A 118 17.92 -5.74 -10.14
C TYR A 118 18.64 -6.93 -9.52
N TYR A 119 19.83 -6.68 -8.97
CA TYR A 119 20.57 -7.77 -8.35
C TYR A 119 21.36 -7.25 -7.16
N ARG A 120 21.59 -8.14 -6.21
CA ARG A 120 22.36 -7.83 -5.02
C ARG A 120 23.83 -7.88 -5.38
N LYS A 121 24.42 -6.70 -5.64
CA LYS A 121 25.81 -6.64 -6.07
C LYS A 121 26.76 -7.12 -4.98
N ASP A 122 26.39 -6.93 -3.70
CA ASP A 122 27.25 -7.44 -2.64
C ASP A 122 27.34 -8.96 -2.69
N LEU A 123 26.22 -9.64 -2.98
CA LEU A 123 26.22 -11.10 -3.01
C LEU A 123 26.93 -11.61 -4.26
N LEU A 124 26.63 -11.05 -5.43
CA LEU A 124 27.33 -11.50 -6.63
C LEU A 124 28.84 -11.29 -6.48
N ASP A 125 29.26 -10.15 -5.93
CA ASP A 125 30.69 -9.89 -5.76
C ASP A 125 31.33 -10.87 -4.77
N LYS A 126 30.62 -11.23 -3.70
CA LYS A 126 31.18 -12.18 -2.72
C LYS A 126 31.48 -13.52 -3.37
N TYR A 127 30.63 -13.96 -4.29
CA TYR A 127 30.79 -15.22 -4.99
C TYR A 127 31.49 -15.07 -6.34
N GLY A 128 31.93 -13.86 -6.69
CA GLY A 128 32.73 -13.71 -7.90
C GLY A 128 31.92 -13.88 -9.17
N ILE A 129 30.65 -13.49 -9.15
CA ILE A 129 29.72 -13.73 -10.25
C ILE A 129 29.45 -12.41 -10.96
N LYS A 130 29.48 -12.45 -12.36
CA LYS A 130 29.05 -11.30 -13.13
C LYS A 130 27.54 -11.34 -13.35
N PRO A 131 26.89 -10.19 -13.57
CA PRO A 131 25.43 -10.20 -13.84
C PRO A 131 25.12 -11.14 -14.99
N PRO A 132 24.12 -11.99 -14.84
CA PRO A 132 23.89 -13.06 -15.83
C PRO A 132 23.30 -12.53 -17.12
N THR A 133 23.78 -13.07 -18.25
CA THR A 133 23.24 -12.66 -19.54
C THR A 133 22.19 -13.61 -20.08
N THR A 134 22.05 -14.81 -19.50
CA THR A 134 20.98 -15.74 -19.85
C THR A 134 20.28 -16.20 -18.58
N TRP A 135 19.03 -16.64 -18.73
CA TRP A 135 18.31 -17.18 -17.58
C TRP A 135 19.03 -18.41 -17.01
N ASP A 136 19.70 -19.18 -17.87
CA ASP A 136 20.47 -20.33 -17.40
C ASP A 136 21.64 -19.91 -16.52
N GLU A 137 22.34 -18.85 -16.90
CA GLU A 137 23.39 -18.31 -16.04
C GLU A 137 22.79 -17.79 -14.74
N LEU A 138 21.61 -17.19 -14.82
CA LEU A 138 20.97 -16.70 -13.63
C LEU A 138 20.63 -17.84 -12.68
N LYS A 139 20.15 -18.96 -13.21
CA LYS A 139 19.88 -20.13 -12.39
C LYS A 139 21.13 -20.63 -11.69
N GLU A 140 22.22 -20.75 -12.44
CA GLU A 140 23.45 -21.26 -11.85
C GLU A 140 24.01 -20.29 -10.82
N ALA A 141 23.92 -18.99 -11.10
CA ALA A 141 24.38 -18.02 -10.10
C ALA A 141 23.56 -18.13 -8.83
N SER A 142 22.23 -18.27 -8.97
CA SER A 142 21.36 -18.40 -7.81
C SER A 142 21.71 -19.65 -7.01
N LYS A 143 21.93 -20.79 -7.69
CA LYS A 143 22.25 -22.01 -6.95
C LYS A 143 23.55 -21.85 -6.17
N LYS A 144 24.55 -21.21 -6.76
CA LYS A 144 25.84 -21.04 -6.07
C LYS A 144 25.69 -20.13 -4.85
N VAL A 145 24.99 -19.00 -5.01
CA VAL A 145 24.83 -18.07 -3.90
C VAL A 145 23.97 -18.68 -2.80
N MET A 146 22.88 -19.34 -3.18
CA MET A 146 21.99 -19.89 -2.17
C MET A 146 22.66 -21.00 -1.38
N GLU A 147 23.41 -21.88 -2.06
CA GLU A 147 24.13 -22.93 -1.36
C GLU A 147 25.18 -22.33 -0.43
N GLY A 148 25.82 -21.23 -0.85
CA GLY A 148 26.85 -20.62 -0.02
C GLY A 148 26.28 -19.92 1.21
N GLU A 149 25.14 -19.23 1.04
CA GLU A 149 24.59 -18.40 2.12
C GLU A 149 23.88 -19.23 3.17
N LYS A 150 23.36 -20.41 2.82
CA LYS A 150 22.59 -21.23 3.75
C LYS A 150 21.59 -20.39 4.53
N ASN A 151 20.89 -19.52 3.81
CA ASN A 151 19.94 -18.58 4.42
C ASN A 151 18.53 -18.99 4.02
N PRO A 152 17.72 -19.54 4.93
CA PRO A 152 16.39 -20.03 4.51
C PRO A 152 15.47 -18.95 3.98
N GLU A 153 15.74 -17.68 4.27
CA GLU A 153 14.89 -16.61 3.75
C GLU A 153 15.35 -16.05 2.42
N LEU A 154 16.50 -16.47 1.88
CA LEU A 154 17.02 -15.85 0.66
C LEU A 154 16.39 -16.48 -0.57
N GLN A 155 15.64 -15.70 -1.34
CA GLN A 155 15.11 -16.14 -2.62
C GLN A 155 16.12 -15.88 -3.74
N GLY A 156 16.20 -16.83 -4.67
CA GLY A 156 17.05 -16.63 -5.83
C GLY A 156 16.50 -15.59 -6.78
N LEU A 157 15.26 -15.78 -7.24
CA LEU A 157 14.66 -14.89 -8.23
C LEU A 157 13.23 -14.57 -7.83
N SER A 158 12.90 -13.28 -7.81
CA SER A 158 11.52 -12.83 -7.64
C SER A 158 11.03 -12.23 -8.95
N PHE A 159 9.87 -12.69 -9.40
CA PHE A 159 9.20 -12.18 -10.59
C PHE A 159 7.70 -12.23 -10.32
N GLN A 160 6.91 -11.67 -11.23
CA GLN A 160 5.48 -11.48 -10.96
C GLN A 160 4.70 -12.64 -11.55
N GLY A 161 4.10 -13.45 -10.68
CA GLY A 161 3.31 -14.59 -11.11
C GLY A 161 1.84 -14.49 -10.75
N LYS A 162 1.47 -13.44 -10.02
CA LYS A 162 0.07 -13.16 -9.75
C LYS A 162 -0.65 -12.83 -11.05
N ALA A 163 -1.98 -13.01 -11.06
CA ALA A 163 -2.76 -12.73 -12.28
C ALA A 163 -3.00 -11.23 -12.39
N ILE A 164 -1.93 -10.51 -12.72
CA ILE A 164 -1.91 -9.05 -12.82
C ILE A 164 -1.31 -8.68 -14.18
N GLU A 165 -1.40 -7.38 -14.52
CA GLU A 165 -0.89 -6.95 -15.81
C GLU A 165 0.60 -7.28 -15.96
N GLY A 166 1.37 -7.17 -14.88
CA GLY A 166 2.79 -7.49 -14.96
C GLY A 166 3.05 -8.93 -15.40
N ALA A 167 2.14 -9.85 -15.11
CA ALA A 167 2.36 -11.22 -15.55
C ALA A 167 2.26 -11.36 -17.07
N VAL A 168 1.56 -10.46 -17.74
CA VAL A 168 1.62 -10.44 -19.21
C VAL A 168 3.05 -10.21 -19.66
N CYS A 169 3.71 -9.24 -19.03
CA CYS A 169 5.11 -8.99 -19.34
C CYS A 169 5.96 -10.22 -19.03
N THR A 170 5.74 -10.83 -17.86
CA THR A 170 6.44 -12.07 -17.52
C THR A 170 6.38 -13.08 -18.67
N PHE A 171 5.17 -13.38 -19.16
CA PHE A 171 5.06 -14.39 -20.22
C PHE A 171 5.84 -13.97 -21.45
N LEU A 172 5.79 -12.70 -21.83
CA LEU A 172 6.36 -12.30 -23.11
C LEU A 172 7.88 -12.17 -23.09
N LEU A 173 8.51 -12.02 -21.93
CA LEU A 173 9.96 -11.82 -21.91
C LEU A 173 10.70 -12.94 -22.64
N PRO A 174 10.48 -14.22 -22.34
CA PRO A 174 11.23 -15.26 -23.05
C PRO A 174 10.73 -15.46 -24.47
N TYR A 175 9.44 -15.25 -24.68
CA TYR A 175 8.86 -15.34 -26.01
C TYR A 175 9.55 -14.39 -26.97
N TRP A 176 9.67 -13.12 -26.56
CA TRP A 176 10.35 -12.11 -27.39
C TRP A 176 11.84 -12.40 -27.50
N SER A 177 12.48 -12.81 -26.41
CA SER A 177 13.92 -13.06 -26.45
C SER A 177 14.27 -14.11 -27.52
N GLU A 178 13.45 -15.16 -27.62
CA GLU A 178 13.59 -16.16 -28.67
C GLU A 178 13.29 -15.62 -30.07
N GLY A 179 12.89 -14.37 -30.20
CA GLY A 179 12.66 -13.76 -31.50
C GLY A 179 11.26 -13.83 -32.04
N LYS A 180 10.28 -14.25 -31.24
CA LYS A 180 8.91 -14.40 -31.70
C LYS A 180 8.10 -13.17 -31.39
N SER A 181 7.06 -12.94 -32.17
CA SER A 181 6.15 -11.84 -31.91
C SER A 181 4.74 -12.38 -31.76
N LEU A 182 3.96 -11.70 -30.95
CA LEU A 182 2.57 -12.08 -30.79
C LEU A 182 1.71 -11.52 -31.90
N VAL A 183 2.05 -10.33 -32.40
CA VAL A 183 1.28 -9.66 -33.46
C VAL A 183 2.27 -9.29 -34.56
N GLU A 184 2.00 -9.77 -35.78
CA GLU A 184 2.87 -9.58 -36.94
C GLU A 184 2.06 -8.89 -38.03
N ASN A 185 2.39 -7.65 -38.34
CA ASN A 185 1.67 -6.87 -39.33
C ASN A 185 0.17 -6.86 -39.04
N GLY A 186 -0.16 -6.60 -37.77
CA GLY A 186 -1.54 -6.49 -37.34
C GLY A 186 -2.27 -7.79 -37.09
N LYS A 187 -1.67 -8.93 -37.44
CA LYS A 187 -2.33 -10.23 -37.32
C LYS A 187 -1.71 -11.02 -36.18
N LEU A 188 -2.52 -11.90 -35.58
CA LEU A 188 -2.02 -12.73 -34.50
C LEU A 188 -1.06 -13.77 -35.06
N ASN A 189 0.12 -13.87 -34.45
CA ASN A 189 1.15 -14.82 -34.87
C ASN A 189 1.61 -15.54 -33.61
N PHE A 190 1.07 -16.72 -33.37
CA PHE A 190 1.28 -17.43 -32.11
C PHE A 190 2.17 -18.63 -32.34
N ASP A 191 3.31 -18.66 -31.64
CA ASP A 191 4.28 -19.74 -31.76
C ASP A 191 4.11 -20.68 -30.57
N ASN A 192 3.52 -21.85 -30.82
CA ASN A 192 3.19 -22.74 -29.70
C ASN A 192 4.43 -23.14 -28.90
N LYS A 193 5.49 -23.57 -29.58
CA LYS A 193 6.66 -24.05 -28.82
C LYS A 193 7.26 -22.95 -27.96
N ALA A 194 7.35 -21.73 -28.50
CA ALA A 194 7.93 -20.66 -27.72
C ALA A 194 7.02 -20.27 -26.56
N ALA A 195 5.70 -20.39 -26.75
CA ALA A 195 4.78 -20.11 -25.65
C ALA A 195 4.90 -21.16 -24.56
N VAL A 196 4.91 -22.43 -24.93
CA VAL A 196 5.12 -23.50 -23.96
C VAL A 196 6.47 -23.32 -23.25
N ASP A 197 7.50 -22.97 -23.99
CA ASP A 197 8.82 -22.83 -23.40
C ASP A 197 8.89 -21.64 -22.44
N SER A 198 8.15 -20.57 -22.72
CA SER A 198 8.09 -19.46 -21.77
C SER A 198 7.46 -19.91 -20.46
N LEU A 199 6.29 -20.56 -20.56
CA LEU A 199 5.62 -21.06 -19.35
C LEU A 199 6.49 -22.09 -18.62
N LYS A 200 7.19 -22.95 -19.35
CA LYS A 200 8.07 -23.93 -18.72
C LYS A 200 9.23 -23.25 -18.00
N LEU A 201 9.76 -22.17 -18.57
CA LEU A 201 10.88 -21.47 -17.94
C LEU A 201 10.50 -20.95 -16.56
N TRP A 202 9.41 -20.19 -16.48
CA TRP A 202 9.02 -19.63 -15.18
C TRP A 202 8.68 -20.74 -14.19
N LYS A 203 8.02 -21.81 -14.65
CA LYS A 203 7.74 -22.93 -13.76
C LYS A 203 9.02 -23.58 -13.28
N SER A 204 10.05 -23.65 -14.13
CA SER A 204 11.27 -24.34 -13.74
C SER A 204 11.97 -23.61 -12.59
N PHE A 205 11.83 -22.27 -12.49
CA PHE A 205 12.43 -21.56 -11.37
C PHE A 205 11.82 -22.02 -10.06
N VAL A 206 10.50 -22.20 -10.05
CA VAL A 206 9.80 -22.68 -8.86
C VAL A 206 10.17 -24.13 -8.56
N ASP A 207 10.14 -24.98 -9.59
CA ASP A 207 10.42 -26.40 -9.39
C ASP A 207 11.83 -26.63 -8.89
N ASP A 208 12.78 -25.84 -9.37
CA ASP A 208 14.18 -25.96 -8.96
C ASP A 208 14.48 -25.30 -7.61
N GLY A 209 13.52 -24.59 -7.02
CA GLY A 209 13.75 -23.92 -5.75
C GLY A 209 14.44 -22.58 -5.85
N ILE A 210 14.62 -22.06 -7.05
CA ILE A 210 15.26 -20.75 -7.21
C ILE A 210 14.27 -19.63 -6.94
N SER A 211 12.99 -19.86 -7.18
CA SER A 211 11.93 -18.95 -6.78
C SER A 211 11.02 -19.65 -5.79
N LYS A 212 10.37 -18.86 -4.94
CA LYS A 212 9.59 -19.45 -3.86
C LYS A 212 8.35 -20.15 -4.42
N LYS A 213 7.83 -21.10 -3.63
CA LYS A 213 6.78 -21.98 -4.11
C LYS A 213 5.48 -21.23 -4.36
N ASN A 214 5.27 -20.08 -3.73
CA ASN A 214 4.06 -19.30 -3.90
C ASN A 214 4.29 -18.07 -4.75
N ILE A 215 5.19 -18.16 -5.74
CA ILE A 215 5.41 -17.03 -6.63
C ILE A 215 4.12 -16.66 -7.38
N SER A 216 3.16 -17.60 -7.48
CA SER A 216 1.86 -17.29 -8.09
C SER A 216 1.09 -16.24 -7.29
N GLU A 217 1.56 -15.85 -6.12
CA GLU A 217 0.91 -14.82 -5.30
C GLU A 217 1.62 -13.46 -5.38
N VAL A 218 2.67 -13.34 -6.19
CA VAL A 218 3.60 -12.21 -6.11
C VAL A 218 3.26 -11.18 -7.19
N ALA A 219 2.93 -9.98 -6.77
CA ALA A 219 2.71 -8.85 -7.67
C ALA A 219 3.95 -7.96 -7.74
N THR A 220 3.86 -6.93 -8.60
CA THR A 220 4.98 -6.04 -8.85
C THR A 220 5.57 -5.48 -7.54
N ASP A 221 4.71 -4.92 -6.70
CA ASP A 221 5.23 -4.28 -5.50
C ASP A 221 5.59 -5.27 -4.42
N ASP A 222 5.15 -6.53 -4.53
CA ASP A 222 5.65 -7.57 -3.62
C ASP A 222 7.10 -7.89 -3.93
N THR A 223 7.42 -8.05 -5.21
CA THR A 223 8.83 -8.18 -5.60
C THR A 223 9.65 -7.00 -5.05
N ARG A 224 9.14 -5.79 -5.25
CA ARG A 224 9.82 -4.60 -4.77
C ARG A 224 10.09 -4.68 -3.27
N LYS A 225 9.05 -4.94 -2.46
CA LYS A 225 9.23 -4.93 -1.01
C LYS A 225 10.15 -6.04 -0.52
N GLU A 226 10.08 -7.23 -1.14
CA GLU A 226 10.91 -8.35 -0.66
C GLU A 226 12.38 -8.16 -1.01
N PHE A 227 12.68 -7.61 -2.20
CA PHE A 227 14.06 -7.29 -2.53
C PHE A 227 14.58 -6.18 -1.61
N GLN A 228 13.72 -5.19 -1.36
CA GLN A 228 14.10 -4.06 -0.51
C GLN A 228 14.44 -4.52 0.90
N ALA A 229 13.77 -5.58 1.36
CA ALA A 229 14.01 -6.15 2.68
C ALA A 229 15.26 -7.02 2.74
N GLY A 230 15.95 -7.22 1.63
CA GLY A 230 17.18 -8.01 1.61
C GLY A 230 16.96 -9.49 1.41
N LYS A 231 15.80 -9.91 0.91
CA LYS A 231 15.44 -11.31 0.88
C LYS A 231 15.53 -11.94 -0.50
N VAL A 232 16.05 -11.21 -1.49
CA VAL A 232 16.00 -11.63 -2.89
C VAL A 232 17.32 -11.32 -3.58
N LEU A 233 17.91 -12.32 -4.25
CA LEU A 233 19.16 -12.11 -4.97
C LEU A 233 18.94 -11.34 -6.28
N PHE A 234 17.94 -11.77 -7.06
CA PHE A 234 17.61 -11.23 -8.38
C PHE A 234 16.14 -10.83 -8.43
N ALA A 235 15.83 -9.64 -8.94
CA ALA A 235 14.43 -9.24 -9.08
C ALA A 235 14.17 -8.64 -10.45
N VAL A 236 13.07 -9.05 -11.07
CA VAL A 236 12.54 -8.43 -12.28
C VAL A 236 11.63 -7.30 -11.82
N ASN A 237 11.91 -6.06 -12.24
CA ASN A 237 11.00 -4.98 -11.86
C ASN A 237 11.22 -3.76 -12.75
N TRP A 238 10.52 -2.68 -12.43
CA TRP A 238 10.49 -1.45 -13.23
C TRP A 238 11.39 -0.40 -12.57
N SER A 239 11.49 0.79 -13.18
CA SER A 239 12.52 1.72 -12.69
C SER A 239 12.18 2.29 -11.31
N TYR A 240 10.88 2.42 -10.98
CA TYR A 240 10.53 3.09 -9.72
C TYR A 240 11.11 2.35 -8.51
N ALA A 241 11.34 1.04 -8.63
CA ALA A 241 11.82 0.30 -7.47
C ALA A 241 13.11 0.89 -6.92
N TRP A 242 13.94 1.47 -7.79
CA TRP A 242 15.23 2.00 -7.37
C TRP A 242 15.08 3.03 -6.26
N THR A 243 14.10 3.94 -6.37
CA THR A 243 13.99 4.99 -5.37
C THR A 243 13.70 4.39 -3.99
N HIS A 244 12.95 3.30 -3.94
CA HIS A 244 12.67 2.63 -2.68
C HIS A 244 13.90 1.90 -2.16
N PHE A 245 14.64 1.25 -3.06
CA PHE A 245 15.84 0.52 -2.63
C PHE A 245 16.88 1.44 -2.05
N GLN A 246 16.92 2.70 -2.50
CA GLN A 246 17.90 3.65 -2.01
C GLN A 246 17.31 4.60 -0.99
N GLY A 247 16.09 4.35 -0.54
CA GLY A 247 15.39 5.25 0.36
C GLY A 247 15.67 4.94 1.82
N LYS A 248 14.84 5.55 2.68
CA LYS A 248 15.05 5.48 4.12
C LYS A 248 14.43 4.25 4.76
N GLU A 249 13.70 3.42 4.01
CA GLU A 249 13.08 2.23 4.58
C GLU A 249 13.64 0.96 3.95
N SER A 250 14.90 1.01 3.54
CA SER A 250 15.54 -0.05 2.79
C SER A 250 16.59 -0.77 3.60
N GLN A 251 16.78 -2.06 3.32
CA GLN A 251 17.90 -2.82 3.84
C GLN A 251 19.01 -3.00 2.83
N VAL A 252 18.85 -2.46 1.61
CA VAL A 252 19.80 -2.76 0.55
C VAL A 252 20.42 -1.51 -0.06
N ASN A 253 20.30 -0.36 0.61
CA ASN A 253 20.98 0.86 0.18
C ASN A 253 22.41 0.57 -0.25
N ASP A 254 22.77 1.05 -1.43
CA ASP A 254 24.14 0.99 -1.97
C ASP A 254 24.59 -0.42 -2.27
N LYS A 255 23.69 -1.39 -2.23
CA LYS A 255 24.06 -2.79 -2.49
C LYS A 255 23.36 -3.34 -3.73
N VAL A 256 22.77 -2.49 -4.56
CA VAL A 256 21.93 -2.92 -5.66
C VAL A 256 22.60 -2.54 -6.97
N GLY A 257 22.68 -3.51 -7.88
CA GLY A 257 23.06 -3.23 -9.25
C GLY A 257 21.88 -3.33 -10.19
N VAL A 258 21.97 -2.71 -11.36
CA VAL A 258 20.91 -2.71 -12.36
C VAL A 258 21.50 -3.19 -13.68
N ALA A 259 20.88 -4.20 -14.28
CA ALA A 259 21.36 -4.77 -15.53
C ALA A 259 20.18 -5.00 -16.47
N ARG A 260 20.48 -5.21 -17.74
CA ARG A 260 19.43 -5.63 -18.64
C ARG A 260 18.97 -7.04 -18.26
N LEU A 261 17.72 -7.34 -18.55
CA LEU A 261 17.19 -8.67 -18.30
C LEU A 261 18.01 -9.72 -19.04
N PRO A 262 18.19 -10.90 -18.45
CA PRO A 262 18.81 -12.01 -19.19
C PRO A 262 17.97 -12.41 -20.39
N ALA A 263 18.65 -13.04 -21.34
CA ALA A 263 18.02 -13.65 -22.52
C ALA A 263 17.82 -15.14 -22.30
N VAL A 264 16.92 -15.74 -23.10
CA VAL A 264 17.01 -17.19 -23.27
C VAL A 264 18.30 -17.53 -24.01
N LYS A 265 18.71 -18.80 -23.91
CA LYS A 265 19.92 -19.24 -24.62
C LYS A 265 19.79 -19.00 -26.12
N GLY A 266 20.77 -18.33 -26.71
CA GLY A 266 20.68 -18.01 -28.12
C GLY A 266 19.73 -16.88 -28.46
N GLY A 267 19.13 -16.22 -27.47
CA GLY A 267 18.22 -15.12 -27.69
C GLY A 267 18.86 -13.76 -27.44
N GLU A 268 18.02 -12.74 -27.48
CA GLU A 268 18.46 -11.37 -27.22
C GLU A 268 17.95 -10.89 -25.88
N GLN A 269 18.68 -9.94 -25.29
CA GLN A 269 18.31 -9.39 -23.98
C GLN A 269 17.25 -8.31 -24.19
N THR A 270 16.02 -8.76 -24.43
CA THR A 270 14.93 -7.85 -24.68
C THR A 270 14.20 -7.52 -23.37
N THR A 271 13.33 -6.50 -23.42
CA THR A 271 12.54 -6.17 -22.25
C THR A 271 11.17 -5.66 -22.70
N CYS A 272 10.31 -5.39 -21.71
CA CYS A 272 8.95 -4.97 -21.97
C CYS A 272 8.85 -3.45 -21.83
N LEU A 273 8.21 -2.81 -22.81
CA LEU A 273 7.95 -1.38 -22.76
C LEU A 273 6.84 -1.08 -21.77
N GLY A 274 7.10 -0.18 -20.82
CA GLY A 274 6.05 0.27 -19.93
C GLY A 274 5.83 1.76 -20.06
N GLY A 275 5.28 2.39 -19.02
CA GLY A 275 5.09 3.81 -18.99
C GLY A 275 3.62 4.19 -18.91
N TRP A 276 3.39 5.48 -18.70
CA TRP A 276 2.07 5.99 -18.34
C TRP A 276 1.88 7.34 -19.02
N GLU A 277 0.62 7.75 -19.14
CA GLU A 277 0.28 9.00 -19.79
C GLU A 277 -0.93 9.61 -19.09
N PHE A 278 -1.13 10.91 -19.31
CA PHE A 278 -2.24 11.66 -18.71
C PHE A 278 -3.31 11.91 -19.76
N GLY A 279 -4.53 11.47 -19.48
CA GLY A 279 -5.68 11.76 -20.33
C GLY A 279 -6.66 12.67 -19.61
N VAL A 280 -7.39 13.46 -20.38
CA VAL A 280 -8.52 14.24 -19.86
C VAL A 280 -9.78 13.42 -20.11
N SER A 281 -10.56 13.14 -19.04
CA SER A 281 -11.78 12.36 -19.23
C SER A 281 -12.75 13.08 -20.16
N ALA A 282 -13.32 12.34 -21.12
CA ALA A 282 -14.30 12.96 -22.02
C ALA A 282 -15.56 13.40 -21.29
N TYR A 283 -15.77 12.89 -20.07
CA TYR A 283 -16.97 13.22 -19.29
C TYR A 283 -16.70 14.27 -18.24
N SER A 284 -15.47 14.78 -18.15
CA SER A 284 -15.15 15.85 -17.20
C SER A 284 -15.90 17.12 -17.57
N LYS A 285 -16.41 17.81 -16.54
CA LYS A 285 -17.02 19.12 -16.73
C LYS A 285 -16.01 20.24 -16.45
N GLN A 286 -14.73 19.90 -16.42
CA GLN A 286 -13.61 20.84 -16.26
C GLN A 286 -12.61 20.66 -17.40
N GLN A 287 -13.11 20.64 -18.64
CA GLN A 287 -12.25 20.33 -19.77
C GLN A 287 -11.06 21.29 -19.87
N ASP A 288 -11.31 22.58 -19.74
CA ASP A 288 -10.24 23.57 -19.91
C ASP A 288 -9.19 23.45 -18.80
N GLU A 289 -9.61 23.47 -17.54
CA GLU A 289 -8.65 23.41 -16.45
C GLU A 289 -7.93 22.07 -16.43
N ALA A 290 -8.63 20.98 -16.78
CA ALA A 290 -8.00 19.67 -16.82
C ALA A 290 -6.92 19.61 -17.89
N LYS A 291 -7.19 20.19 -19.06
CA LYS A 291 -6.16 20.19 -20.11
C LYS A 291 -4.94 20.99 -19.70
N LYS A 292 -5.15 22.13 -19.03
CA LYS A 292 -4.02 22.93 -18.57
C LYS A 292 -3.19 22.19 -17.54
N LEU A 293 -3.84 21.47 -16.62
CA LEU A 293 -3.10 20.66 -15.66
C LEU A 293 -2.26 19.59 -16.36
N VAL A 294 -2.84 18.91 -17.35
CA VAL A 294 -2.11 17.85 -18.05
C VAL A 294 -0.90 18.44 -18.78
N GLU A 295 -1.06 19.61 -19.37
CA GLU A 295 0.09 20.23 -20.04
C GLU A 295 1.21 20.53 -19.07
N TYR A 296 0.86 20.93 -17.84
CA TYR A 296 1.88 21.13 -16.82
C TYR A 296 2.53 19.83 -16.40
N LEU A 297 1.72 18.81 -16.08
CA LEU A 297 2.25 17.56 -15.56
C LEU A 297 3.09 16.81 -16.58
N SER A 298 2.88 17.06 -17.87
N SER A 298 2.89 17.07 -17.86
CA SER A 298 3.67 16.43 -18.92
CA SER A 298 3.66 16.45 -18.93
C SER A 298 4.77 17.35 -19.45
C SER A 298 4.79 17.34 -19.43
N SER A 299 5.07 18.43 -18.74
CA SER A 299 6.13 19.35 -19.12
C SER A 299 7.50 18.77 -18.77
N GLN A 300 8.54 19.35 -19.38
CA GLN A 300 9.87 18.85 -19.09
C GLN A 300 10.26 19.09 -17.64
N ASP A 301 9.82 20.20 -17.04
CA ASP A 301 10.13 20.47 -15.64
C ASP A 301 9.59 19.39 -14.73
N VAL A 302 8.35 18.94 -14.96
CA VAL A 302 7.76 17.93 -14.08
C VAL A 302 8.38 16.56 -14.37
N SER A 303 8.65 16.26 -15.63
CA SER A 303 9.35 15.02 -15.96
C SER A 303 10.68 14.93 -15.22
N LYS A 304 11.44 16.03 -15.21
CA LYS A 304 12.70 16.06 -14.48
C LYS A 304 12.48 15.86 -12.98
N PHE A 305 11.49 16.55 -12.42
CA PHE A 305 11.20 16.42 -11.00
C PHE A 305 10.87 14.99 -10.61
N MET A 306 10.08 14.29 -11.44
CA MET A 306 9.67 12.95 -11.08
C MET A 306 10.79 11.93 -11.28
N ALA A 307 11.71 12.19 -12.21
CA ALA A 307 12.88 11.32 -12.35
C ALA A 307 13.74 11.41 -11.10
N ILE A 308 14.00 12.63 -10.63
CA ILE A 308 14.90 12.83 -9.51
C ILE A 308 14.26 12.34 -8.21
N ASN A 309 12.97 12.59 -8.03
CA ASN A 309 12.34 12.36 -6.73
C ASN A 309 11.57 11.04 -6.64
N ALA A 310 11.34 10.36 -7.78
CA ALA A 310 10.57 9.13 -7.77
C ALA A 310 11.17 8.04 -8.66
N ALA A 311 12.35 8.26 -9.24
CA ALA A 311 12.98 7.30 -10.14
C ALA A 311 12.06 6.89 -11.29
N LEU A 312 11.25 7.83 -11.78
CA LEU A 312 10.40 7.56 -12.94
C LEU A 312 11.15 8.01 -14.18
N LEU A 313 11.28 7.11 -15.17
CA LEU A 313 12.13 7.40 -16.32
C LEU A 313 11.51 8.54 -17.14
N PRO A 314 12.31 9.47 -17.64
CA PRO A 314 11.74 10.66 -18.29
C PRO A 314 11.20 10.37 -19.68
N THR A 315 10.35 11.28 -20.14
CA THR A 315 9.75 11.20 -21.47
C THR A 315 10.43 12.13 -22.47
N TYR A 316 11.49 12.83 -22.06
CA TYR A 316 12.26 13.74 -22.89
C TYR A 316 13.68 13.21 -22.97
N ALA A 317 14.19 13.02 -24.20
CA ALA A 317 15.50 12.41 -24.36
C ALA A 317 16.59 13.20 -23.62
N ALA A 318 16.50 14.53 -23.63
CA ALA A 318 17.57 15.33 -23.04
C ALA A 318 17.71 15.11 -21.54
N LEU A 319 16.62 14.72 -20.87
CA LEU A 319 16.69 14.55 -19.43
C LEU A 319 17.53 13.34 -19.02
N TYR A 320 17.77 12.40 -19.93
CA TYR A 320 18.62 11.25 -19.61
C TYR A 320 20.08 11.64 -19.48
N LYS A 321 20.44 12.83 -19.96
CA LYS A 321 21.78 13.36 -19.78
C LYS A 321 21.80 14.63 -18.94
N ASP A 322 20.69 14.98 -18.30
CA ASP A 322 20.64 16.15 -17.45
C ASP A 322 21.51 15.93 -16.21
N ALA A 323 22.34 16.92 -15.86
CA ALA A 323 23.34 16.72 -14.82
C ALA A 323 22.70 16.45 -13.45
N ASP A 324 21.55 17.05 -13.18
CA ASP A 324 20.86 16.78 -11.91
C ASP A 324 20.28 15.38 -11.91
N VAL A 325 19.69 14.97 -13.03
CA VAL A 325 19.12 13.62 -13.11
C VAL A 325 20.20 12.58 -12.92
N THR A 326 21.32 12.71 -13.63
CA THR A 326 22.34 11.67 -13.56
C THR A 326 23.14 11.74 -12.27
N LYS A 327 23.21 12.92 -11.65
CA LYS A 327 23.80 12.98 -10.31
C LYS A 327 22.97 12.18 -9.32
N THR A 328 21.65 12.26 -9.45
CA THR A 328 20.77 11.55 -8.52
C THR A 328 20.73 10.06 -8.81
N ILE A 329 20.61 9.69 -10.08
CA ILE A 329 20.48 8.29 -10.45
C ILE A 329 21.46 8.02 -11.58
N PRO A 330 22.71 7.72 -11.28
CA PRO A 330 23.69 7.59 -12.37
C PRO A 330 23.26 6.65 -13.47
N TRP A 331 22.55 5.56 -13.16
CA TRP A 331 22.29 4.58 -14.21
C TRP A 331 21.23 5.05 -15.20
N PHE A 332 20.45 6.09 -14.87
CA PHE A 332 19.54 6.65 -15.87
C PHE A 332 20.31 7.09 -17.13
N ALA A 333 21.60 7.45 -16.97
CA ALA A 333 22.42 7.84 -18.11
C ALA A 333 22.54 6.73 -19.15
N ASP A 334 22.31 5.47 -18.77
CA ASP A 334 22.39 4.33 -19.67
C ASP A 334 21.04 3.71 -19.99
N ALA A 335 19.96 4.31 -19.51
CA ALA A 335 18.64 3.68 -19.63
C ALA A 335 17.95 3.97 -20.96
N LEU A 336 18.26 5.08 -21.62
CA LEU A 336 17.48 5.42 -22.82
C LEU A 336 17.54 4.35 -23.90
N PRO A 337 18.69 3.74 -24.22
CA PRO A 337 18.67 2.70 -25.26
C PRO A 337 17.83 1.50 -24.89
N VAL A 338 17.67 1.22 -23.59
CA VAL A 338 16.82 0.12 -23.17
C VAL A 338 15.36 0.47 -23.43
N VAL A 339 14.96 1.69 -23.08
CA VAL A 339 13.56 2.10 -23.29
C VAL A 339 13.24 2.14 -24.77
N GLU A 340 14.16 2.67 -25.58
CA GLU A 340 13.87 2.87 -26.99
C GLU A 340 13.87 1.57 -27.80
N THR A 341 14.42 0.49 -27.25
CA THR A 341 14.39 -0.81 -27.92
C THR A 341 13.47 -1.81 -27.21
N ALA A 342 12.78 -1.39 -26.16
CA ALA A 342 11.88 -2.27 -25.44
C ALA A 342 10.72 -2.71 -26.34
N LYS A 343 10.29 -3.96 -26.18
CA LYS A 343 9.22 -4.50 -27.01
C LYS A 343 7.86 -4.10 -26.47
N ALA A 344 6.88 -3.96 -27.37
CA ALA A 344 5.57 -3.44 -26.99
C ALA A 344 4.55 -4.58 -26.91
N ARG A 345 3.78 -4.60 -25.81
CA ARG A 345 2.60 -5.43 -25.77
C ARG A 345 1.65 -5.04 -26.90
N PRO A 346 0.70 -5.91 -27.24
CA PRO A 346 -0.20 -5.65 -28.37
C PRO A 346 -0.98 -4.34 -28.22
N VAL A 347 -1.08 -3.61 -29.32
CA VAL A 347 -1.92 -2.41 -29.38
C VAL A 347 -3.29 -2.85 -29.88
N THR A 348 -4.30 -2.77 -29.02
CA THR A 348 -5.65 -3.17 -29.43
C THR A 348 -6.69 -2.56 -28.49
N PRO A 349 -7.82 -2.10 -29.00
CA PRO A 349 -8.90 -1.66 -28.11
C PRO A 349 -9.40 -2.76 -27.20
N ARG A 350 -9.18 -4.02 -27.56
CA ARG A 350 -9.61 -5.15 -26.76
C ARG A 350 -8.48 -5.70 -25.89
N TYR A 351 -7.55 -4.81 -25.47
CA TYR A 351 -6.38 -5.26 -24.74
C TYR A 351 -6.78 -5.97 -23.43
N ASN A 352 -7.87 -5.55 -22.80
CA ASN A 352 -8.21 -6.17 -21.53
C ASN A 352 -8.45 -7.67 -21.68
N GLU A 353 -9.03 -8.09 -22.80
CA GLU A 353 -9.26 -9.53 -22.99
C GLU A 353 -7.96 -10.27 -23.29
N VAL A 354 -7.05 -9.63 -24.03
CA VAL A 354 -5.73 -10.21 -24.24
C VAL A 354 -5.01 -10.38 -22.91
N SER A 355 -5.01 -9.33 -22.10
CA SER A 355 -4.34 -9.37 -20.80
C SER A 355 -4.92 -10.46 -19.90
N GLU A 356 -6.25 -10.50 -19.80
CA GLU A 356 -6.89 -11.51 -18.95
C GLU A 356 -6.49 -12.91 -19.38
N THR A 357 -6.48 -13.20 -20.70
CA THR A 357 -6.09 -14.52 -21.17
C THR A 357 -4.66 -14.87 -20.74
N ILE A 358 -3.73 -13.96 -20.96
CA ILE A 358 -2.32 -14.29 -20.75
C ILE A 358 -2.01 -14.37 -19.26
N ARG A 359 -2.47 -13.38 -18.49
CA ARG A 359 -2.08 -13.37 -17.08
C ARG A 359 -2.72 -14.52 -16.32
N THR A 360 -3.93 -14.94 -16.69
CA THR A 360 -4.51 -16.06 -15.98
C THR A 360 -3.83 -17.37 -16.37
N THR A 361 -3.31 -17.47 -17.59
CA THR A 361 -2.60 -18.68 -17.97
C THR A 361 -1.28 -18.77 -17.21
N VAL A 362 -0.54 -17.67 -17.15
CA VAL A 362 0.70 -17.64 -16.38
C VAL A 362 0.43 -18.04 -14.94
N ASN A 363 -0.56 -17.39 -14.32
CA ASN A 363 -0.83 -17.64 -12.91
C ASN A 363 -1.25 -19.09 -12.69
N GLY A 364 -2.10 -19.62 -13.59
CA GLY A 364 -2.56 -21.00 -13.44
C GLY A 364 -1.44 -22.01 -13.54
N VAL A 365 -0.50 -21.81 -14.46
CA VAL A 365 0.64 -22.71 -14.57
C VAL A 365 1.48 -22.65 -13.30
N LEU A 366 1.76 -21.44 -12.83
CA LEU A 366 2.61 -21.27 -11.66
C LEU A 366 1.93 -21.75 -10.38
N ALA A 367 0.61 -21.67 -10.32
CA ALA A 367 -0.12 -22.23 -9.20
C ALA A 367 -0.24 -23.74 -9.28
N GLY A 368 0.21 -24.34 -10.39
CA GLY A 368 0.17 -25.78 -10.54
C GLY A 368 -1.16 -26.36 -10.96
N VAL A 369 -2.10 -25.53 -11.42
CA VAL A 369 -3.42 -26.05 -11.79
C VAL A 369 -3.54 -26.30 -13.29
N MET A 370 -2.53 -25.94 -14.07
CA MET A 370 -2.56 -26.18 -15.50
C MET A 370 -1.14 -26.45 -15.96
N THR A 371 -0.99 -27.39 -16.95
CA THR A 371 0.35 -27.66 -17.47
C THR A 371 0.77 -26.56 -18.45
N PRO A 372 2.07 -26.35 -18.63
CA PRO A 372 2.52 -25.44 -19.68
C PRO A 372 1.94 -25.79 -21.04
N GLU A 373 1.90 -27.08 -21.35
CA GLU A 373 1.36 -27.52 -22.65
C GLU A 373 -0.11 -27.13 -22.81
N ASP A 374 -0.95 -27.44 -21.82
CA ASP A 374 -2.35 -27.05 -21.89
C ASP A 374 -2.49 -25.53 -21.84
N GLY A 375 -1.62 -24.88 -21.07
CA GLY A 375 -1.69 -23.43 -20.97
C GLY A 375 -1.50 -22.76 -22.31
N ALA A 376 -0.55 -23.25 -23.11
CA ALA A 376 -0.30 -22.60 -24.40
C ALA A 376 -1.46 -22.82 -25.35
N LYS A 377 -2.07 -24.01 -25.34
CA LYS A 377 -3.20 -24.28 -26.22
C LYS A 377 -4.41 -23.45 -25.81
N GLN A 378 -4.64 -23.32 -24.50
CA GLN A 378 -5.74 -22.48 -24.03
C GLN A 378 -5.50 -21.02 -24.42
N MET A 379 -4.26 -20.55 -24.25
CA MET A 379 -3.94 -19.16 -24.59
C MET A 379 -4.16 -18.89 -26.06
N GLU A 380 -3.64 -19.76 -26.94
CA GLU A 380 -3.83 -19.52 -28.37
C GLU A 380 -5.31 -19.52 -28.75
N SER A 381 -6.07 -20.53 -28.28
CA SER A 381 -7.49 -20.60 -28.63
C SER A 381 -8.23 -19.33 -28.21
N ARG A 382 -7.95 -18.84 -27.00
CA ARG A 382 -8.67 -17.67 -26.50
C ARG A 382 -8.23 -16.40 -27.22
N LEU A 383 -6.94 -16.27 -27.53
CA LEU A 383 -6.47 -15.08 -28.25
C LEU A 383 -7.00 -15.04 -29.67
N ARG A 384 -7.23 -16.20 -30.29
CA ARG A 384 -7.74 -16.21 -31.66
C ARG A 384 -9.12 -15.60 -31.77
N ARG A 385 -9.86 -15.51 -30.68
CA ARG A 385 -11.19 -14.90 -30.73
C ARG A 385 -11.15 -13.38 -30.56
N VAL A 386 -10.00 -12.81 -30.22
CA VAL A 386 -9.91 -11.42 -29.79
C VAL A 386 -9.06 -10.59 -30.75
N LEU A 387 -8.10 -11.22 -31.40
CA LEU A 387 -7.12 -10.53 -32.22
C LEU A 387 -7.30 -10.89 -33.69
N ARG A 388 -7.02 -9.92 -34.56
CA ARG A 388 -7.15 -10.13 -36.00
C ARG A 388 -6.27 -11.29 -36.44
N LEU A 389 -6.81 -12.10 -37.36
CA LEU A 389 -6.12 -13.31 -37.81
C LEU A 389 -5.63 -13.23 -39.26
N ASP B 2 -13.24 -22.14 -9.55
CA ASP B 2 -14.55 -21.50 -9.67
C ASP B 2 -14.50 -20.03 -9.26
N ALA B 3 -15.01 -19.75 -8.06
CA ALA B 3 -15.17 -18.38 -7.59
C ALA B 3 -13.85 -17.83 -7.08
N GLU B 4 -13.51 -16.61 -7.48
CA GLU B 4 -12.32 -15.94 -7.00
C GLU B 4 -12.74 -14.70 -6.24
N LEU B 5 -12.48 -14.69 -4.94
CA LEU B 5 -12.80 -13.54 -4.10
C LEU B 5 -11.54 -12.69 -3.92
N LYS B 6 -11.74 -11.38 -3.86
CA LYS B 6 -10.67 -10.45 -3.52
C LYS B 6 -10.97 -9.84 -2.16
N ILE B 7 -9.97 -9.82 -1.29
CA ILE B 7 -10.11 -9.25 0.05
C ILE B 7 -9.08 -8.13 0.21
N PHE B 8 -9.55 -7.00 0.74
CA PHE B 8 -8.73 -5.81 0.91
C PHE B 8 -8.11 -5.82 2.31
N VAL B 9 -6.79 -5.86 2.38
CA VAL B 9 -6.04 -5.97 3.63
C VAL B 9 -4.89 -4.95 3.62
N SER B 10 -4.75 -4.20 4.71
CA SER B 10 -3.66 -3.22 4.77
C SER B 10 -2.30 -3.90 4.79
N SER B 11 -1.32 -3.23 4.17
CA SER B 11 0.07 -3.72 4.24
C SER B 11 0.60 -3.75 5.66
N GLN B 12 0.00 -2.99 6.57
CA GLN B 12 0.46 -2.94 7.96
C GLN B 12 -0.19 -4.00 8.82
N HIS B 13 -1.15 -4.76 8.27
CA HIS B 13 -1.92 -5.74 9.02
C HIS B 13 -1.43 -7.16 8.81
N GLN B 14 -0.17 -7.33 8.41
CA GLN B 14 0.44 -8.65 8.33
C GLN B 14 -0.31 -9.55 7.34
N PRO B 15 -0.46 -9.10 6.10
CA PRO B 15 -1.15 -9.92 5.09
C PRO B 15 -0.51 -11.28 4.87
N ASP B 16 0.78 -11.44 5.17
CA ASP B 16 1.38 -12.76 5.00
C ASP B 16 0.83 -13.76 6.01
N ILE B 17 0.38 -13.29 7.17
CA ILE B 17 -0.23 -14.19 8.14
C ILE B 17 -1.69 -14.45 7.77
N TRP B 18 -2.43 -13.39 7.37
CA TRP B 18 -3.77 -13.61 6.85
C TRP B 18 -3.76 -14.57 5.66
N ARG B 19 -2.70 -14.51 4.85
CA ARG B 19 -2.60 -15.41 3.70
C ARG B 19 -2.65 -16.88 4.13
N LYS B 20 -2.03 -17.21 5.26
CA LYS B 20 -2.10 -18.59 5.74
C LYS B 20 -3.52 -18.96 6.20
N ALA B 21 -4.23 -18.02 6.84
CA ALA B 21 -5.63 -18.30 7.19
C ALA B 21 -6.46 -18.54 5.94
N LEU B 22 -6.20 -17.75 4.89
CA LEU B 22 -6.95 -17.89 3.64
C LEU B 22 -6.58 -19.18 2.92
N ASP B 23 -5.31 -19.58 2.98
CA ASP B 23 -4.92 -20.85 2.39
C ASP B 23 -5.72 -22.00 2.99
N GLN B 24 -5.93 -21.96 4.31
CA GLN B 24 -6.69 -23.03 4.94
C GLN B 24 -8.18 -22.93 4.61
N TYR B 25 -8.70 -21.72 4.42
CA TYR B 25 -10.07 -21.60 3.92
C TYR B 25 -10.21 -22.25 2.55
N GLU B 26 -9.24 -22.00 1.67
CA GLU B 26 -9.26 -22.64 0.35
C GLU B 26 -9.19 -24.15 0.46
N ALA B 27 -8.34 -24.66 1.35
CA ALA B 27 -8.22 -26.10 1.51
C ALA B 27 -9.53 -26.74 1.95
N LYS B 28 -10.31 -26.02 2.74
CA LYS B 28 -11.58 -26.51 3.29
C LYS B 28 -12.77 -26.25 2.39
N THR B 29 -12.59 -25.46 1.33
CA THR B 29 -13.71 -24.95 0.52
C THR B 29 -13.41 -25.13 -0.96
N PRO B 30 -13.63 -26.32 -1.49
CA PRO B 30 -13.30 -26.57 -2.90
C PRO B 30 -14.03 -25.62 -3.84
N GLY B 31 -13.32 -25.15 -4.86
CA GLY B 31 -13.92 -24.26 -5.84
C GLY B 31 -13.84 -22.78 -5.51
N VAL B 32 -13.24 -22.40 -4.40
CA VAL B 32 -13.14 -21.00 -4.00
C VAL B 32 -11.68 -20.64 -3.83
N LYS B 33 -11.23 -19.61 -4.54
CA LYS B 33 -9.91 -19.03 -4.36
C LYS B 33 -10.06 -17.62 -3.80
N VAL B 34 -9.12 -17.23 -2.94
CA VAL B 34 -9.11 -15.88 -2.37
C VAL B 34 -7.79 -15.21 -2.70
N VAL B 35 -7.87 -13.94 -3.11
CA VAL B 35 -6.69 -13.16 -3.46
C VAL B 35 -6.67 -11.88 -2.62
N ILE B 36 -5.50 -11.57 -2.05
CA ILE B 36 -5.35 -10.35 -1.25
C ILE B 36 -5.01 -9.18 -2.17
N GLU B 37 -5.67 -8.06 -1.96
CA GLU B 37 -5.27 -6.77 -2.52
C GLU B 37 -4.81 -5.92 -1.33
N THR B 38 -3.58 -5.41 -1.38
CA THR B 38 -3.04 -4.71 -0.21
C THR B 38 -3.28 -3.20 -0.28
N GLY B 39 -3.63 -2.61 0.86
CA GLY B 39 -3.85 -1.19 0.95
C GLY B 39 -2.75 -0.49 1.75
N GLY B 40 -2.89 0.83 1.81
CA GLY B 40 -1.89 1.65 2.49
C GLY B 40 -1.79 1.31 3.96
N ASN B 41 -0.64 1.70 4.54
CA ASN B 41 -0.35 1.34 5.93
C ASN B 41 -1.40 1.88 6.89
N THR B 42 -1.83 3.12 6.72
CA THR B 42 -2.62 3.78 7.74
C THR B 42 -4.09 3.90 7.31
N SER B 43 -4.96 3.99 8.32
CA SER B 43 -6.40 3.82 8.08
C SER B 43 -6.96 4.88 7.15
N GLU B 44 -6.44 6.11 7.21
CA GLU B 44 -6.98 7.17 6.37
C GLU B 44 -6.58 6.98 4.90
N MET B 45 -5.43 6.35 4.64
CA MET B 45 -5.09 6.01 3.25
C MET B 45 -6.06 4.97 2.71
N GLN B 46 -6.34 3.94 3.51
CA GLN B 46 -7.30 2.92 3.10
C GLN B 46 -8.66 3.54 2.83
N ALA B 47 -9.09 4.46 3.72
CA ALA B 47 -10.39 5.08 3.56
C ALA B 47 -10.43 5.93 2.30
N GLN B 48 -9.34 6.62 1.97
CA GLN B 48 -9.27 7.37 0.73
C GLN B 48 -9.53 6.46 -0.46
N TYR B 49 -8.84 5.32 -0.51
CA TYR B 49 -9.02 4.41 -1.63
C TYR B 49 -10.44 3.84 -1.67
N LEU B 50 -10.93 3.39 -0.53
CA LEU B 50 -12.24 2.74 -0.50
C LEU B 50 -13.35 3.74 -0.83
N ASN B 51 -13.23 4.98 -0.36
CA ASN B 51 -14.18 6.00 -0.80
C ASN B 51 -14.23 6.07 -2.32
N THR B 52 -13.06 5.98 -2.96
CA THR B 52 -13.02 6.07 -4.42
C THR B 52 -13.77 4.90 -5.07
N VAL B 53 -13.42 3.67 -4.68
CA VAL B 53 -14.00 2.53 -5.40
C VAL B 53 -15.46 2.29 -4.99
N MET B 54 -15.83 2.54 -3.71
CA MET B 54 -17.23 2.32 -3.31
C MET B 54 -18.14 3.38 -3.91
N SER B 55 -17.70 4.63 -3.98
CA SER B 55 -18.49 5.67 -4.63
C SER B 55 -18.77 5.32 -6.08
N ALA B 56 -17.85 4.62 -6.74
CA ALA B 56 -18.01 4.22 -8.13
C ALA B 56 -18.81 2.93 -8.29
N LYS B 57 -19.15 2.27 -7.19
CA LYS B 57 -19.83 0.97 -7.20
C LYS B 57 -19.00 -0.06 -7.94
N ASP B 58 -17.69 0.05 -7.84
CA ASP B 58 -16.77 -0.89 -8.45
C ASP B 58 -16.90 -2.25 -7.78
N SER B 59 -17.08 -3.29 -8.59
CA SER B 59 -17.31 -4.64 -8.07
C SER B 59 -16.03 -5.45 -7.84
N SER B 60 -14.85 -4.82 -7.93
CA SER B 60 -13.61 -5.60 -7.92
C SER B 60 -13.37 -6.28 -6.59
N LEU B 61 -13.65 -5.60 -5.48
CA LEU B 61 -13.39 -6.14 -4.15
C LEU B 61 -14.64 -6.81 -3.60
N ASP B 62 -14.44 -7.94 -2.90
CA ASP B 62 -15.55 -8.67 -2.32
C ASP B 62 -15.64 -8.50 -0.82
N VAL B 63 -14.51 -8.54 -0.13
CA VAL B 63 -14.44 -8.42 1.32
C VAL B 63 -13.49 -7.28 1.66
N LEU B 64 -13.87 -6.47 2.66
CA LEU B 64 -13.08 -5.30 3.04
C LEU B 64 -12.75 -5.37 4.51
N MET B 65 -11.46 -5.25 4.85
N MET B 65 -11.47 -5.21 4.84
CA MET B 65 -11.04 -5.00 6.22
CA MET B 65 -11.08 -5.00 6.24
C MET B 65 -11.26 -3.52 6.52
C MET B 65 -11.21 -3.53 6.56
N LEU B 66 -12.01 -3.22 7.58
CA LEU B 66 -12.39 -1.86 7.91
C LEU B 66 -12.08 -1.56 9.37
N ASP B 67 -11.72 -0.31 9.62
CA ASP B 67 -11.39 0.16 10.97
C ASP B 67 -12.65 0.30 11.82
N VAL B 68 -12.48 0.21 13.13
CA VAL B 68 -13.61 0.29 14.06
C VAL B 68 -14.38 1.60 13.93
N ILE B 69 -13.76 2.64 13.36
CA ILE B 69 -14.44 3.93 13.17
C ILE B 69 -15.21 4.03 11.84
N ARG B 70 -15.29 2.95 11.05
CA ARG B 70 -15.93 2.98 9.73
C ARG B 70 -17.39 2.55 9.69
N PRO B 71 -17.90 1.72 10.62
CA PRO B 71 -19.27 1.21 10.45
C PRO B 71 -20.33 2.27 10.19
N ALA B 72 -20.32 3.39 10.92
CA ALA B 72 -21.38 4.38 10.70
C ALA B 72 -21.40 4.87 9.25
N GLN B 73 -20.22 5.20 8.70
CA GLN B 73 -20.17 5.65 7.31
C GLN B 73 -20.63 4.56 6.35
N PHE B 74 -20.09 3.35 6.50
CA PHE B 74 -20.40 2.31 5.51
C PHE B 74 -21.84 1.84 5.62
N ALA B 75 -22.41 1.85 6.82
CA ALA B 75 -23.81 1.46 6.96
C ALA B 75 -24.73 2.50 6.33
N THR B 76 -24.50 3.77 6.61
CA THR B 76 -25.41 4.78 6.08
C THR B 76 -25.23 4.95 4.57
N ALA B 77 -24.05 4.67 4.04
CA ALA B 77 -23.84 4.76 2.60
C ALA B 77 -24.45 3.60 1.83
N GLY B 78 -24.81 2.50 2.50
CA GLY B 78 -25.26 1.33 1.78
C GLY B 78 -24.14 0.53 1.16
N TRP B 79 -22.92 0.67 1.66
CA TRP B 79 -21.74 0.11 1.04
C TRP B 79 -21.42 -1.32 1.46
N THR B 80 -22.03 -1.86 2.51
CA THR B 80 -21.81 -3.25 2.85
C THR B 80 -23.13 -4.02 2.80
N SER B 81 -23.01 -5.34 2.71
CA SER B 81 -24.17 -6.22 2.79
C SER B 81 -24.33 -6.67 4.23
N ASP B 82 -25.48 -6.39 4.82
CA ASP B 82 -25.60 -6.65 6.25
C ASP B 82 -25.75 -8.15 6.51
N PHE B 83 -25.39 -8.56 7.73
CA PHE B 83 -25.51 -9.95 8.12
C PHE B 83 -26.87 -10.11 8.78
N SER B 84 -27.84 -10.58 8.00
CA SER B 84 -29.25 -10.58 8.40
C SER B 84 -29.50 -11.38 9.67
N GLY B 85 -29.74 -10.68 10.78
CA GLY B 85 -30.19 -11.30 12.01
C GLY B 85 -29.17 -12.14 12.76
N LYS B 86 -27.87 -11.88 12.57
CA LYS B 86 -26.85 -12.66 13.23
C LYS B 86 -26.73 -12.28 14.70
N ASP B 87 -26.66 -13.28 15.58
CA ASP B 87 -26.38 -13.05 16.99
C ASP B 87 -24.89 -12.78 17.16
N LEU B 88 -24.55 -11.61 17.70
CA LEU B 88 -23.16 -11.27 17.97
C LEU B 88 -22.78 -11.45 19.44
N SER B 89 -23.59 -12.18 20.21
CA SER B 89 -23.34 -12.26 21.65
C SER B 89 -22.07 -13.04 21.99
N ALA B 90 -21.49 -13.77 21.04
CA ALA B 90 -20.25 -14.49 21.33
C ALA B 90 -19.05 -13.55 21.39
N TYR B 91 -19.12 -12.39 20.76
CA TYR B 91 -18.01 -11.46 20.70
C TYR B 91 -18.01 -10.55 21.91
N LEU B 92 -16.88 -9.86 22.12
CA LEU B 92 -16.81 -8.82 23.12
C LEU B 92 -17.93 -7.80 22.89
N PRO B 93 -18.68 -7.42 23.94
CA PRO B 93 -19.75 -6.44 23.74
C PRO B 93 -19.29 -5.18 23.02
N THR B 94 -18.07 -4.72 23.32
CA THR B 94 -17.55 -3.52 22.66
C THR B 94 -17.66 -3.64 21.14
N TYR B 95 -17.29 -4.80 20.59
CA TYR B 95 -17.28 -4.92 19.14
C TYR B 95 -18.62 -5.39 18.59
N ALA B 96 -19.43 -6.07 19.39
CA ALA B 96 -20.83 -6.27 19.00
C ALA B 96 -21.52 -4.92 18.77
N GLU B 97 -21.32 -3.98 19.69
CA GLU B 97 -21.94 -2.66 19.55
C GLU B 97 -21.36 -1.91 18.35
N ALA B 98 -20.03 -1.95 18.19
CA ALA B 98 -19.39 -1.13 17.16
C ALA B 98 -19.87 -1.51 15.76
N ASN B 99 -20.23 -2.78 15.56
CA ASN B 99 -20.58 -3.27 14.25
C ASN B 99 -22.08 -3.33 14.03
N THR B 100 -22.86 -2.84 14.98
CA THR B 100 -24.30 -2.74 14.83
C THR B 100 -24.66 -1.27 14.61
N VAL B 101 -25.35 -0.98 13.51
CA VAL B 101 -25.72 0.39 13.16
C VAL B 101 -27.20 0.40 12.82
N ASN B 102 -28.00 1.07 13.64
CA ASN B 102 -29.45 1.14 13.41
C ASN B 102 -30.04 -0.27 13.30
N GLY B 103 -29.63 -1.14 14.22
CA GLY B 103 -30.14 -2.49 14.28
C GLY B 103 -29.70 -3.43 13.18
N LYS B 104 -28.81 -3.00 12.29
CA LYS B 104 -28.29 -3.87 11.23
C LYS B 104 -26.84 -4.22 11.57
N ILE B 105 -26.48 -5.47 11.32
CA ILE B 105 -25.11 -5.92 11.51
C ILE B 105 -24.35 -5.64 10.22
N VAL B 106 -23.43 -4.69 10.26
CA VAL B 106 -22.80 -4.15 9.07
C VAL B 106 -21.54 -4.91 8.65
N ALA B 107 -20.94 -5.65 9.57
CA ALA B 107 -19.65 -6.32 9.40
C ALA B 107 -19.47 -7.26 10.58
N LEU B 108 -18.49 -8.19 10.46
CA LEU B 108 -18.20 -9.02 11.64
C LEU B 108 -16.80 -8.71 12.17
N PRO B 109 -16.61 -8.76 13.49
CA PRO B 109 -15.31 -8.39 14.06
C PRO B 109 -14.18 -9.22 13.50
N ALA B 110 -13.05 -8.55 13.24
CA ALA B 110 -11.84 -9.21 12.75
C ALA B 110 -10.81 -9.36 13.84
N PHE B 111 -10.46 -8.27 14.52
CA PHE B 111 -9.63 -8.38 15.71
C PHE B 111 -9.79 -7.09 16.52
N ALA B 112 -9.50 -7.21 17.81
CA ALA B 112 -9.57 -6.11 18.75
C ALA B 112 -8.25 -5.34 18.78
N ASP B 113 -8.29 -4.14 19.38
CA ASP B 113 -7.04 -3.41 19.57
C ASP B 113 -7.23 -2.31 20.62
N SER B 114 -6.11 -1.87 21.19
CA SER B 114 -6.02 -0.71 22.07
C SER B 114 -4.57 -0.25 22.06
N MET B 115 -4.35 0.98 22.51
CA MET B 115 -3.00 1.51 22.59
C MET B 115 -2.39 1.16 23.94
N PHE B 116 -1.11 0.82 23.92
CA PHE B 116 -0.34 0.48 25.10
C PHE B 116 0.95 1.30 25.10
N LEU B 117 1.59 1.33 26.27
CA LEU B 117 2.93 1.88 26.41
C LEU B 117 3.92 0.72 26.33
N TYR B 118 4.70 0.68 25.27
CA TYR B 118 5.82 -0.25 25.23
C TYR B 118 7.03 0.45 25.83
N TYR B 119 7.85 -0.30 26.57
CA TYR B 119 9.05 0.28 27.15
C TYR B 119 10.18 -0.73 27.13
N ARG B 120 11.40 -0.20 27.07
CA ARG B 120 12.62 -1.01 27.15
C ARG B 120 12.84 -1.34 28.62
N LYS B 121 12.49 -2.57 29.02
CA LYS B 121 12.60 -2.90 30.44
C LYS B 121 14.05 -3.08 30.85
N ASP B 122 14.93 -3.42 29.89
CA ASP B 122 16.34 -3.49 30.23
C ASP B 122 16.88 -2.12 30.65
N LEU B 123 16.41 -1.05 29.99
CA LEU B 123 16.87 0.30 30.33
C LEU B 123 16.23 0.80 31.62
N LEU B 124 14.92 0.58 31.79
CA LEU B 124 14.30 1.00 33.06
C LEU B 124 14.94 0.26 34.23
N ASP B 125 15.14 -1.06 34.09
CA ASP B 125 15.74 -1.84 35.18
C ASP B 125 17.17 -1.37 35.47
N LYS B 126 17.91 -0.97 34.44
CA LYS B 126 19.28 -0.49 34.66
C LYS B 126 19.28 0.76 35.53
N TYR B 127 18.29 1.63 35.36
CA TYR B 127 18.23 2.89 36.07
C TYR B 127 17.31 2.84 37.29
N GLY B 128 16.78 1.67 37.62
CA GLY B 128 15.96 1.54 38.80
C GLY B 128 14.62 2.26 38.70
N ILE B 129 14.00 2.26 37.52
CA ILE B 129 12.81 3.06 37.24
C ILE B 129 11.62 2.13 37.03
N LYS B 130 10.50 2.44 37.68
CA LYS B 130 9.26 1.68 37.42
C LYS B 130 8.53 2.28 36.23
N PRO B 131 7.72 1.48 35.55
CA PRO B 131 6.93 2.01 34.41
C PRO B 131 6.14 3.22 34.84
N PRO B 132 6.19 4.32 34.08
CA PRO B 132 5.56 5.56 34.54
C PRO B 132 4.05 5.49 34.49
N THR B 133 3.43 6.08 35.50
CA THR B 133 1.97 6.16 35.54
C THR B 133 1.44 7.52 35.14
N THR B 134 2.30 8.54 35.03
CA THR B 134 1.91 9.85 34.52
C THR B 134 2.89 10.27 33.43
N TRP B 135 2.43 11.15 32.54
CA TRP B 135 3.32 11.70 31.52
C TRP B 135 4.49 12.45 32.16
N ASP B 136 4.27 13.10 33.32
CA ASP B 136 5.37 13.76 34.02
C ASP B 136 6.42 12.76 34.48
N GLU B 137 5.98 11.64 35.07
CA GLU B 137 6.91 10.58 35.42
C GLU B 137 7.66 10.09 34.19
N LEU B 138 6.96 10.01 33.07
CA LEU B 138 7.61 9.52 31.85
C LEU B 138 8.69 10.51 31.38
N LYS B 139 8.40 11.81 31.46
CA LYS B 139 9.43 12.80 31.14
C LYS B 139 10.65 12.64 32.03
N GLU B 140 10.45 12.51 33.33
CA GLU B 140 11.58 12.42 34.25
C GLU B 140 12.35 11.12 34.03
N ALA B 141 11.63 10.02 33.76
CA ALA B 141 12.31 8.76 33.43
C ALA B 141 13.16 8.92 32.18
N SER B 142 12.59 9.54 31.13
CA SER B 142 13.33 9.67 29.88
C SER B 142 14.58 10.53 30.06
N LYS B 143 14.47 11.60 30.86
CA LYS B 143 15.64 12.46 31.09
C LYS B 143 16.75 11.70 31.78
N LYS B 144 16.41 10.91 32.80
CA LYS B 144 17.43 10.17 33.54
C LYS B 144 18.13 9.16 32.63
N VAL B 145 17.34 8.40 31.88
CA VAL B 145 17.91 7.36 31.03
C VAL B 145 18.75 7.97 29.92
N MET B 146 18.21 9.00 29.24
CA MET B 146 18.94 9.58 28.13
C MET B 146 20.23 10.24 28.59
N GLU B 147 20.20 10.92 29.74
CA GLU B 147 21.43 11.50 30.26
C GLU B 147 22.44 10.43 30.59
N GLY B 148 21.99 9.29 31.12
CA GLY B 148 22.93 8.25 31.52
C GLY B 148 23.51 7.52 30.33
N GLU B 149 22.70 7.28 29.30
CA GLU B 149 23.14 6.47 28.17
C GLU B 149 24.05 7.24 27.22
N LYS B 150 23.93 8.57 27.16
CA LYS B 150 24.70 9.39 26.23
C LYS B 150 24.76 8.74 24.85
N ASN B 151 23.60 8.39 24.34
CA ASN B 151 23.45 7.68 23.07
C ASN B 151 22.70 8.59 22.10
N PRO B 152 23.36 9.15 21.09
CA PRO B 152 22.67 10.06 20.17
C PRO B 152 21.52 9.42 19.41
N GLU B 153 21.48 8.09 19.28
CA GLU B 153 20.39 7.41 18.60
C GLU B 153 19.16 7.18 19.46
N LEU B 154 19.26 7.34 20.78
CA LEU B 154 18.19 6.92 21.69
C LEU B 154 17.15 8.02 21.84
N GLN B 155 15.92 7.74 21.41
CA GLN B 155 14.78 8.62 21.62
C GLN B 155 14.11 8.29 22.96
N GLY B 156 13.59 9.33 23.62
CA GLY B 156 12.88 9.10 24.86
C GLY B 156 11.50 8.51 24.61
N LEU B 157 10.72 9.17 23.75
CA LEU B 157 9.33 8.76 23.53
C LEU B 157 9.01 8.90 22.05
N SER B 158 8.52 7.82 21.44
CA SER B 158 8.01 7.87 20.07
C SER B 158 6.49 7.77 20.13
N PHE B 159 5.82 8.70 19.45
CA PHE B 159 4.36 8.72 19.33
C PHE B 159 4.05 9.22 17.94
N GLN B 160 2.78 9.13 17.53
CA GLN B 160 2.45 9.41 16.13
C GLN B 160 2.02 10.86 15.96
N GLY B 161 2.78 11.61 15.16
CA GLY B 161 2.48 13.00 14.90
C GLY B 161 2.28 13.31 13.42
N LYS B 162 2.42 12.32 12.56
CA LYS B 162 2.07 12.48 11.17
C LYS B 162 0.56 12.69 11.03
N ALA B 163 0.15 13.32 9.93
CA ALA B 163 -1.27 13.60 9.72
C ALA B 163 -1.98 12.32 9.25
N ILE B 164 -2.04 11.35 10.16
CA ILE B 164 -2.63 10.03 9.93
C ILE B 164 -3.72 9.79 10.97
N GLU B 165 -4.47 8.70 10.78
CA GLU B 165 -5.56 8.40 11.71
C GLU B 165 -5.04 8.24 13.13
N GLY B 166 -3.86 7.64 13.30
CA GLY B 166 -3.31 7.47 14.63
C GLY B 166 -3.08 8.77 15.38
N ALA B 167 -2.94 9.88 14.67
CA ALA B 167 -2.77 11.16 15.36
C ALA B 167 -4.06 11.66 16.01
N VAL B 168 -5.22 11.25 15.48
CA VAL B 168 -6.47 11.51 16.20
C VAL B 168 -6.40 10.88 17.59
N CYS B 169 -5.95 9.63 17.63
CA CYS B 169 -5.76 8.93 18.90
C CYS B 169 -4.79 9.69 19.79
N THR B 170 -3.66 10.12 19.22
CA THR B 170 -2.70 10.95 19.97
C THR B 170 -3.40 12.14 20.63
N PHE B 171 -4.16 12.90 19.86
CA PHE B 171 -4.81 14.09 20.43
C PHE B 171 -5.74 13.72 21.59
N LEU B 172 -6.50 12.64 21.44
CA LEU B 172 -7.53 12.35 22.43
C LEU B 172 -6.99 11.74 23.73
N LEU B 173 -5.79 11.15 23.72
CA LEU B 173 -5.30 10.49 24.93
C LEU B 173 -5.29 11.43 26.13
N PRO B 174 -4.65 12.61 26.09
CA PRO B 174 -4.68 13.48 27.27
C PRO B 174 -6.04 14.08 27.53
N TYR B 175 -6.81 14.33 26.48
CA TYR B 175 -8.16 14.87 26.60
C TYR B 175 -9.04 13.93 27.42
N TRP B 176 -9.02 12.64 27.08
CA TRP B 176 -9.79 11.64 27.81
C TRP B 176 -9.24 11.42 29.21
N SER B 177 -7.91 11.49 29.37
CA SER B 177 -7.33 11.23 30.68
C SER B 177 -7.80 12.27 31.68
N GLU B 178 -8.00 13.51 31.21
CA GLU B 178 -8.59 14.57 32.01
C GLU B 178 -10.09 14.40 32.25
N GLY B 179 -10.70 13.33 31.73
CA GLY B 179 -12.11 13.07 31.96
C GLY B 179 -13.07 13.79 31.05
N LYS B 180 -12.59 14.29 29.91
CA LYS B 180 -13.40 15.06 28.98
C LYS B 180 -13.84 14.15 27.84
N SER B 181 -15.03 14.42 27.31
CA SER B 181 -15.50 13.71 26.12
C SER B 181 -15.67 14.70 24.98
N LEU B 182 -15.45 14.21 23.75
CA LEU B 182 -15.61 15.08 22.60
C LEU B 182 -17.05 15.10 22.08
N VAL B 183 -17.83 14.05 22.36
CA VAL B 183 -19.22 13.99 21.94
C VAL B 183 -20.05 13.51 23.12
N GLU B 184 -20.89 14.38 23.66
CA GLU B 184 -21.84 14.05 24.74
C GLU B 184 -23.25 14.35 24.27
N ASN B 185 -24.10 13.32 24.25
CA ASN B 185 -25.50 13.45 23.86
C ASN B 185 -25.63 13.60 22.35
N GLY B 186 -24.81 12.86 21.60
CA GLY B 186 -24.78 13.00 20.15
C GLY B 186 -24.35 14.39 19.73
N LYS B 187 -23.86 15.18 20.70
CA LYS B 187 -23.50 16.58 20.49
C LYS B 187 -21.99 16.75 20.68
N LEU B 188 -21.42 17.68 19.92
CA LEU B 188 -20.04 18.08 20.12
C LEU B 188 -19.89 18.81 21.46
N ASN B 189 -18.95 18.33 22.29
CA ASN B 189 -18.57 19.00 23.53
C ASN B 189 -17.08 19.29 23.41
N PHE B 190 -16.72 20.55 23.17
CA PHE B 190 -15.32 20.88 22.92
C PHE B 190 -14.78 21.65 24.12
N ASP B 191 -13.97 20.98 24.93
CA ASP B 191 -13.37 21.63 26.10
C ASP B 191 -12.07 22.30 25.65
N ASN B 192 -12.11 23.62 25.51
CA ASN B 192 -10.98 24.33 24.90
C ASN B 192 -9.71 24.17 25.73
N LYS B 193 -9.81 24.31 27.05
CA LYS B 193 -8.62 24.18 27.88
C LYS B 193 -8.01 22.79 27.77
N ALA B 194 -8.86 21.75 27.75
CA ALA B 194 -8.31 20.40 27.64
C ALA B 194 -7.70 20.18 26.26
N ALA B 195 -8.30 20.76 25.22
CA ALA B 195 -7.77 20.61 23.88
C ALA B 195 -6.40 21.30 23.75
N VAL B 196 -6.29 22.53 24.25
CA VAL B 196 -5.02 23.24 24.23
C VAL B 196 -3.96 22.48 25.04
N ASP B 197 -4.36 21.92 26.20
CA ASP B 197 -3.39 21.22 27.04
C ASP B 197 -2.90 19.94 26.39
N SER B 198 -3.76 19.24 25.65
CA SER B 198 -3.31 18.05 24.94
C SER B 198 -2.25 18.42 23.91
N LEU B 199 -2.53 19.44 23.10
CA LEU B 199 -1.56 19.86 22.08
C LEU B 199 -0.27 20.37 22.72
N LYS B 200 -0.37 21.08 23.85
CA LYS B 200 0.82 21.54 24.55
C LYS B 200 1.64 20.37 25.09
N LEU B 201 0.97 19.32 25.55
CA LEU B 201 1.68 18.17 26.09
C LEU B 201 2.56 17.52 25.03
N TRP B 202 1.96 17.19 23.88
CA TRP B 202 2.75 16.54 22.82
C TRP B 202 3.86 17.46 22.32
N LYS B 203 3.57 18.75 22.18
CA LYS B 203 4.59 19.70 21.76
C LYS B 203 5.72 19.76 22.79
N SER B 204 5.38 19.73 24.08
CA SER B 204 6.43 19.83 25.10
C SER B 204 7.43 18.68 25.02
N PHE B 205 6.99 17.49 24.58
CA PHE B 205 7.94 16.39 24.43
C PHE B 205 8.98 16.72 23.37
N VAL B 206 8.53 17.30 22.26
CA VAL B 206 9.47 17.67 21.21
C VAL B 206 10.37 18.81 21.66
N ASP B 207 9.77 19.82 22.31
CA ASP B 207 10.55 21.00 22.74
C ASP B 207 11.58 20.64 23.80
N ASP B 208 11.23 19.70 24.69
CA ASP B 208 12.13 19.27 25.76
C ASP B 208 13.20 18.29 25.28
N GLY B 209 13.13 17.84 24.04
CA GLY B 209 14.12 16.90 23.54
C GLY B 209 13.86 15.46 23.91
N ILE B 210 12.70 15.16 24.49
CA ILE B 210 12.38 13.78 24.84
C ILE B 210 11.87 13.02 23.62
N SER B 211 11.27 13.72 22.65
CA SER B 211 10.89 13.16 21.36
C SER B 211 11.63 13.90 20.26
N LYS B 212 11.90 13.21 19.15
CA LYS B 212 12.75 13.81 18.11
C LYS B 212 12.03 14.95 17.40
N LYS B 213 12.82 15.84 16.78
CA LYS B 213 12.29 17.08 16.25
C LYS B 213 11.34 16.88 15.07
N ASN B 214 11.48 15.78 14.33
CA ASN B 214 10.55 15.49 13.24
C ASN B 214 9.50 14.46 13.64
N ILE B 215 8.97 14.55 14.87
CA ILE B 215 7.88 13.67 15.26
C ILE B 215 6.65 13.90 14.39
N SER B 216 6.54 15.07 13.77
CA SER B 216 5.42 15.33 12.86
C SER B 216 5.49 14.49 11.58
N GLU B 217 6.57 13.73 11.38
CA GLU B 217 6.65 12.81 10.25
C GLU B 217 6.50 11.35 10.66
N VAL B 218 6.20 11.07 11.92
CA VAL B 218 6.20 9.70 12.46
C VAL B 218 4.80 9.11 12.41
N ALA B 219 4.65 8.02 11.65
CA ALA B 219 3.43 7.24 11.61
C ALA B 219 3.54 6.01 12.52
N THR B 220 2.45 5.25 12.60
CA THR B 220 2.36 4.10 13.50
C THR B 220 3.51 3.13 13.29
N ASP B 221 3.77 2.76 12.05
CA ASP B 221 4.77 1.73 11.83
C ASP B 221 6.19 2.28 11.91
N ASP B 222 6.36 3.61 11.85
CA ASP B 222 7.67 4.19 12.09
C ASP B 222 8.06 4.05 13.56
N THR B 223 7.13 4.40 14.45
CA THR B 223 7.31 4.10 15.87
C THR B 223 7.68 2.63 16.07
N ARG B 224 6.93 1.74 15.43
CA ARG B 224 7.19 0.31 15.56
C ARG B 224 8.62 -0.02 15.12
N LYS B 225 9.00 0.38 13.89
CA LYS B 225 10.30 0.00 13.38
C LYS B 225 11.44 0.59 14.22
N GLU B 226 11.27 1.82 14.73
CA GLU B 226 12.36 2.46 15.44
C GLU B 226 12.54 1.86 16.83
N PHE B 227 11.45 1.56 17.53
CA PHE B 227 11.56 0.85 18.81
C PHE B 227 12.18 -0.52 18.60
N GLN B 228 11.78 -1.22 17.54
CA GLN B 228 12.31 -2.56 17.24
C GLN B 228 13.80 -2.52 17.02
N ALA B 229 14.31 -1.45 16.42
CA ALA B 229 15.73 -1.30 16.13
C ALA B 229 16.54 -0.97 17.37
N GLY B 230 15.89 -0.75 18.51
CA GLY B 230 16.60 -0.46 19.75
C GLY B 230 16.81 1.02 20.01
N LYS B 231 16.09 1.89 19.31
CA LYS B 231 16.37 3.32 19.34
C LYS B 231 15.37 4.14 20.15
N VAL B 232 14.46 3.50 20.88
CA VAL B 232 13.34 4.18 21.54
C VAL B 232 13.13 3.61 22.92
N LEU B 233 13.15 4.48 23.94
CA LEU B 233 12.91 4.02 25.31
C LEU B 233 11.43 3.70 25.56
N PHE B 234 10.54 4.61 25.15
CA PHE B 234 9.08 4.47 25.33
C PHE B 234 8.38 4.66 24.00
N ALA B 235 7.40 3.80 23.72
CA ALA B 235 6.65 3.90 22.46
C ALA B 235 5.16 3.72 22.72
N VAL B 236 4.36 4.61 22.15
CA VAL B 236 2.92 4.46 22.12
C VAL B 236 2.59 3.63 20.88
N ASN B 237 1.93 2.48 21.06
CA ASN B 237 1.55 1.73 19.86
C ASN B 237 0.45 0.73 20.21
N TRP B 238 0.09 -0.10 19.22
CA TRP B 238 -1.00 -1.06 19.29
C TRP B 238 -0.41 -2.46 19.50
N SER B 239 -1.28 -3.47 19.63
CA SER B 239 -0.79 -4.75 20.09
C SER B 239 0.07 -5.46 19.06
N TYR B 240 -0.15 -5.20 17.76
CA TYR B 240 0.58 -5.95 16.73
C TYR B 240 2.08 -5.72 16.85
N ALA B 241 2.50 -4.57 17.38
CA ALA B 241 3.94 -4.30 17.39
C ALA B 241 4.69 -5.38 18.14
N TRP B 242 4.07 -5.98 19.15
CA TRP B 242 4.71 -7.02 19.95
C TRP B 242 5.26 -8.16 19.12
N THR B 243 4.51 -8.61 18.10
CA THR B 243 4.99 -9.77 17.35
C THR B 243 6.26 -9.42 16.60
N HIS B 244 6.42 -8.16 16.17
CA HIS B 244 7.65 -7.76 15.51
C HIS B 244 8.79 -7.62 16.51
N PHE B 245 8.50 -7.05 17.68
CA PHE B 245 9.54 -6.90 18.70
C PHE B 245 10.12 -8.24 19.13
N GLN B 246 9.32 -9.30 19.17
CA GLN B 246 9.79 -10.62 19.55
C GLN B 246 10.15 -11.49 18.35
N GLY B 247 10.22 -10.92 17.15
CA GLY B 247 10.40 -11.67 15.94
C GLY B 247 11.86 -11.82 15.55
N LYS B 248 12.04 -12.28 14.31
CA LYS B 248 13.39 -12.61 13.85
C LYS B 248 14.18 -11.41 13.35
N GLU B 249 13.56 -10.23 13.25
CA GLU B 249 14.27 -9.07 12.71
C GLU B 249 14.36 -7.94 13.73
N SER B 250 14.42 -8.29 15.00
CA SER B 250 14.34 -7.35 16.10
C SER B 250 15.66 -7.26 16.84
N GLN B 251 15.93 -6.10 17.43
CA GLN B 251 17.08 -5.95 18.32
C GLN B 251 16.65 -5.90 19.78
N VAL B 252 15.36 -6.09 20.06
CA VAL B 252 14.83 -5.92 21.41
C VAL B 252 14.12 -7.19 21.92
N ASN B 253 14.33 -8.35 21.29
CA ASN B 253 13.74 -9.58 21.81
C ASN B 253 13.98 -9.70 23.31
N ASP B 254 12.91 -10.00 24.06
CA ASP B 254 12.95 -10.25 25.50
C ASP B 254 13.35 -9.03 26.32
N LYS B 255 13.40 -7.85 25.70
CA LYS B 255 13.77 -6.63 26.40
C LYS B 255 12.63 -5.63 26.49
N VAL B 256 11.40 -6.07 26.21
CA VAL B 256 10.26 -5.17 26.07
C VAL B 256 9.24 -5.48 27.17
N GLY B 257 8.79 -4.42 27.85
CA GLY B 257 7.63 -4.51 28.72
C GLY B 257 6.42 -3.83 28.10
N VAL B 258 5.22 -4.15 28.59
CA VAL B 258 3.98 -3.55 28.11
C VAL B 258 3.23 -3.04 29.33
N ALA B 259 2.85 -1.76 29.28
CA ALA B 259 2.11 -1.15 30.38
C ALA B 259 0.94 -0.34 29.83
N ARG B 260 0.02 0.02 30.72
CA ARG B 260 -1.01 0.95 30.32
C ARG B 260 -0.40 2.32 30.06
N LEU B 261 -1.08 3.09 29.23
CA LEU B 261 -0.59 4.43 28.92
C LEU B 261 -0.59 5.28 30.19
N PRO B 262 0.40 6.15 30.35
CA PRO B 262 0.38 7.09 31.48
C PRO B 262 -0.81 8.04 31.40
N ALA B 263 -1.17 8.57 32.58
CA ALA B 263 -2.21 9.56 32.74
C ALA B 263 -1.64 10.98 32.75
N VAL B 264 -2.50 11.96 32.46
CA VAL B 264 -2.14 13.33 32.79
C VAL B 264 -2.21 13.50 34.31
N LYS B 265 -1.58 14.56 34.81
CA LYS B 265 -1.59 14.83 36.25
C LYS B 265 -3.02 14.93 36.75
N GLY B 266 -3.35 14.14 37.77
CA GLY B 266 -4.70 14.11 38.28
C GLY B 266 -5.70 13.34 37.43
N GLY B 267 -5.24 12.73 36.33
CA GLY B 267 -6.17 12.03 35.45
C GLY B 267 -6.15 10.51 35.62
N GLU B 268 -6.82 9.84 34.69
CA GLU B 268 -6.94 8.38 34.65
C GLU B 268 -6.08 7.78 33.53
N GLN B 269 -5.64 6.56 33.72
CA GLN B 269 -4.83 5.87 32.70
C GLN B 269 -5.78 5.29 31.66
N THR B 270 -6.20 6.11 30.73
CA THR B 270 -7.12 5.68 29.69
C THR B 270 -6.37 5.40 28.39
N THR B 271 -7.07 4.80 27.44
CA THR B 271 -6.48 4.53 26.14
C THR B 271 -7.55 4.60 25.07
N CYS B 272 -7.11 4.46 23.82
CA CYS B 272 -7.96 4.56 22.65
C CYS B 272 -8.37 3.17 22.19
N LEU B 273 -9.67 2.99 21.95
CA LEU B 273 -10.16 1.74 21.38
C LEU B 273 -9.81 1.67 19.90
N GLY B 274 -9.23 0.56 19.49
CA GLY B 274 -8.99 0.32 18.06
C GLY B 274 -9.68 -0.96 17.62
N GLY B 275 -9.19 -1.58 16.55
CA GLY B 275 -9.79 -2.82 16.08
C GLY B 275 -10.32 -2.69 14.67
N TRP B 276 -10.63 -3.86 14.10
CA TRP B 276 -10.98 -3.98 12.69
C TRP B 276 -12.07 -5.02 12.54
N GLU B 277 -12.79 -4.92 11.42
CA GLU B 277 -13.90 -5.81 11.11
C GLU B 277 -13.90 -6.08 9.61
N PHE B 278 -14.60 -7.16 9.23
CA PHE B 278 -14.74 -7.58 7.83
C PHE B 278 -16.12 -7.21 7.33
N GLY B 279 -16.19 -6.44 6.25
CA GLY B 279 -17.44 -6.15 5.59
C GLY B 279 -17.49 -6.84 4.23
N VAL B 280 -18.68 -7.24 3.83
CA VAL B 280 -18.91 -7.69 2.46
C VAL B 280 -19.36 -6.49 1.64
N SER B 281 -18.69 -6.23 0.52
CA SER B 281 -19.09 -5.09 -0.32
C SER B 281 -20.51 -5.27 -0.84
N ALA B 282 -21.31 -4.19 -0.72
CA ALA B 282 -22.64 -4.20 -1.31
C ALA B 282 -22.58 -4.37 -2.83
N TYR B 283 -21.42 -4.15 -3.45
CA TYR B 283 -21.31 -4.21 -4.90
C TYR B 283 -20.60 -5.48 -5.37
N SER B 284 -20.28 -6.39 -4.44
CA SER B 284 -19.71 -7.67 -4.84
C SER B 284 -20.70 -8.49 -5.66
N LYS B 285 -20.20 -9.15 -6.71
CA LYS B 285 -21.03 -10.07 -7.46
C LYS B 285 -21.00 -11.47 -6.87
N GLN B 286 -20.35 -11.67 -5.74
CA GLN B 286 -20.20 -12.97 -5.11
C GLN B 286 -20.58 -12.89 -3.64
N GLN B 287 -21.77 -12.37 -3.36
CA GLN B 287 -22.07 -12.00 -1.98
C GLN B 287 -22.23 -13.22 -1.09
N ASP B 288 -22.79 -14.31 -1.62
CA ASP B 288 -22.94 -15.53 -0.82
C ASP B 288 -21.58 -16.08 -0.40
N GLU B 289 -20.68 -16.27 -1.36
CA GLU B 289 -19.36 -16.79 -1.01
C GLU B 289 -18.59 -15.80 -0.15
N ALA B 290 -18.76 -14.50 -0.39
CA ALA B 290 -18.04 -13.52 0.43
C ALA B 290 -18.48 -13.58 1.89
N LYS B 291 -19.78 -13.70 2.14
CA LYS B 291 -20.26 -13.79 3.52
C LYS B 291 -19.72 -15.05 4.19
N LYS B 292 -19.67 -16.17 3.46
CA LYS B 292 -19.14 -17.39 4.05
C LYS B 292 -17.68 -17.24 4.42
N LEU B 293 -16.89 -16.60 3.56
CA LEU B 293 -15.50 -16.33 3.93
C LEU B 293 -15.42 -15.46 5.17
N VAL B 294 -16.26 -14.42 5.26
CA VAL B 294 -16.21 -13.53 6.43
C VAL B 294 -16.61 -14.28 7.70
N GLU B 295 -17.63 -15.15 7.60
CA GLU B 295 -18.00 -15.95 8.77
C GLU B 295 -16.84 -16.82 9.23
N TYR B 296 -16.04 -17.32 8.30
CA TYR B 296 -14.87 -18.11 8.67
C TYR B 296 -13.81 -17.26 9.34
N LEU B 297 -13.46 -16.13 8.72
CA LEU B 297 -12.36 -15.30 9.22
C LEU B 297 -12.68 -14.69 10.59
N SER B 298 -13.96 -14.51 10.91
CA SER B 298 -14.39 -13.98 12.18
C SER B 298 -14.64 -15.08 13.21
N SER B 299 -14.28 -16.31 12.90
CA SER B 299 -14.50 -17.43 13.81
C SER B 299 -13.49 -17.39 14.95
N GLN B 300 -13.84 -18.06 16.05
CA GLN B 300 -12.93 -18.12 17.19
C GLN B 300 -11.62 -18.80 16.83
N ASP B 301 -11.67 -19.83 15.97
CA ASP B 301 -10.44 -20.53 15.57
C ASP B 301 -9.48 -19.58 14.86
N VAL B 302 -10.00 -18.74 13.97
CA VAL B 302 -9.13 -17.81 13.26
C VAL B 302 -8.66 -16.70 14.19
N SER B 303 -9.55 -16.21 15.06
CA SER B 303 -9.14 -15.21 16.04
C SER B 303 -7.98 -15.74 16.89
N LYS B 304 -8.04 -17.00 17.30
CA LYS B 304 -6.94 -17.59 18.07
C LYS B 304 -5.67 -17.64 17.25
N PHE B 305 -5.77 -18.06 15.98
CA PHE B 305 -4.59 -18.16 15.13
C PHE B 305 -3.92 -16.80 14.96
N MET B 306 -4.72 -15.75 14.78
CA MET B 306 -4.14 -14.43 14.56
C MET B 306 -3.59 -13.83 15.85
N ALA B 307 -4.12 -14.23 17.01
CA ALA B 307 -3.52 -13.79 18.26
C ALA B 307 -2.12 -14.38 18.42
N ILE B 308 -1.99 -15.67 18.16
CA ILE B 308 -0.73 -16.36 18.40
C ILE B 308 0.32 -15.97 17.37
N ASN B 309 -0.09 -15.80 16.12
CA ASN B 309 0.86 -15.64 15.04
C ASN B 309 1.07 -14.20 14.60
N ALA B 310 0.22 -13.27 15.04
CA ALA B 310 0.36 -11.87 14.65
C ALA B 310 0.15 -10.91 15.81
N ALA B 311 -0.02 -11.41 17.04
CA ALA B 311 -0.27 -10.57 18.22
C ALA B 311 -1.47 -9.64 18.02
N LEU B 312 -2.49 -10.12 17.31
CA LEU B 312 -3.73 -9.37 17.19
C LEU B 312 -4.67 -9.80 18.31
N LEU B 313 -5.15 -8.83 19.08
CA LEU B 313 -5.96 -9.13 20.26
C LEU B 313 -7.28 -9.77 19.84
N PRO B 314 -7.71 -10.83 20.54
CA PRO B 314 -8.91 -11.56 20.12
C PRO B 314 -10.21 -10.79 20.34
N THR B 315 -11.22 -11.21 19.58
CA THR B 315 -12.57 -10.69 19.68
C THR B 315 -13.48 -11.56 20.54
N TYR B 316 -12.95 -12.66 21.08
CA TYR B 316 -13.69 -13.58 21.95
C TYR B 316 -13.06 -13.54 23.34
N ALA B 317 -13.88 -13.30 24.36
CA ALA B 317 -13.34 -13.15 25.71
C ALA B 317 -12.56 -14.38 26.15
N ALA B 318 -13.02 -15.57 25.76
CA ALA B 318 -12.40 -16.80 26.26
C ALA B 318 -10.96 -16.94 25.80
N LEU B 319 -10.60 -16.35 24.66
CA LEU B 319 -9.24 -16.55 24.15
C LEU B 319 -8.19 -15.80 24.97
N TYR B 320 -8.60 -14.80 25.76
CA TYR B 320 -7.66 -14.07 26.60
C TYR B 320 -7.11 -14.93 27.72
N LYS B 321 -7.74 -16.06 28.00
CA LYS B 321 -7.25 -17.00 28.99
C LYS B 321 -6.90 -18.36 28.37
N ASP B 322 -6.92 -18.45 27.04
CA ASP B 322 -6.58 -19.69 26.37
C ASP B 322 -5.11 -20.02 26.63
N ALA B 323 -4.84 -21.26 27.03
CA ALA B 323 -3.48 -21.60 27.46
C ALA B 323 -2.46 -21.43 26.32
N ASP B 324 -2.86 -21.68 25.08
CA ASP B 324 -1.91 -21.49 23.98
C ASP B 324 -1.66 -20.00 23.72
N VAL B 325 -2.71 -19.18 23.80
CA VAL B 325 -2.56 -17.74 23.62
C VAL B 325 -1.66 -17.16 24.69
N THR B 326 -1.93 -17.48 25.95
CA THR B 326 -1.18 -16.87 27.05
C THR B 326 0.24 -17.43 27.12
N LYS B 327 0.43 -18.70 26.75
CA LYS B 327 1.80 -19.21 26.64
C LYS B 327 2.59 -18.43 25.61
N THR B 328 1.97 -18.12 24.46
CA THR B 328 2.68 -17.40 23.42
C THR B 328 2.92 -15.94 23.81
N ILE B 329 1.88 -15.26 24.30
CA ILE B 329 1.97 -13.84 24.64
C ILE B 329 1.42 -13.67 26.05
N PRO B 330 2.27 -13.77 27.07
CA PRO B 330 1.74 -13.75 28.45
C PRO B 330 0.93 -12.52 28.78
N TRP B 331 1.29 -11.34 28.26
CA TRP B 331 0.56 -10.15 28.70
C TRP B 331 -0.84 -10.08 28.11
N PHE B 332 -1.16 -10.88 27.09
CA PHE B 332 -2.56 -10.92 26.65
C PHE B 332 -3.49 -11.35 27.78
N ALA B 333 -2.97 -12.08 28.78
CA ALA B 333 -3.80 -12.50 29.91
C ALA B 333 -4.31 -11.31 30.72
N ASP B 334 -3.69 -10.14 30.59
CA ASP B 334 -4.07 -8.94 31.32
C ASP B 334 -4.74 -7.88 30.46
N ALA B 335 -5.01 -8.16 29.19
CA ALA B 335 -5.37 -7.11 28.25
C ALA B 335 -6.86 -6.86 28.15
N LEU B 336 -7.71 -7.82 28.54
CA LEU B 336 -9.14 -7.64 28.26
C LEU B 336 -9.75 -6.48 29.04
N PRO B 337 -9.40 -6.26 30.31
CA PRO B 337 -9.94 -5.06 30.98
C PRO B 337 -9.51 -3.77 30.29
N VAL B 338 -8.33 -3.75 29.65
CA VAL B 338 -7.89 -2.57 28.92
C VAL B 338 -8.76 -2.35 27.68
N VAL B 339 -8.96 -3.41 26.90
CA VAL B 339 -9.77 -3.30 25.68
C VAL B 339 -11.19 -2.90 26.03
N GLU B 340 -11.79 -3.54 27.03
CA GLU B 340 -13.21 -3.31 27.30
C GLU B 340 -13.47 -1.94 27.93
N THR B 341 -12.46 -1.27 28.47
CA THR B 341 -12.64 0.08 29.01
C THR B 341 -12.00 1.15 28.16
N ALA B 342 -11.45 0.78 26.99
CA ALA B 342 -10.84 1.78 26.12
C ALA B 342 -11.90 2.74 25.59
N LYS B 343 -11.50 4.00 25.43
CA LYS B 343 -12.40 5.04 24.99
C LYS B 343 -12.54 5.03 23.46
N ALA B 344 -13.74 5.38 22.99
CA ALA B 344 -14.05 5.30 21.56
C ALA B 344 -13.95 6.68 20.93
N ARG B 345 -13.30 6.74 19.76
CA ARG B 345 -13.41 7.89 18.88
C ARG B 345 -14.87 8.07 18.45
N PRO B 346 -15.24 9.29 18.01
CA PRO B 346 -16.66 9.58 17.73
C PRO B 346 -17.25 8.62 16.70
N VAL B 347 -18.49 8.21 16.94
CA VAL B 347 -19.24 7.41 15.98
C VAL B 347 -20.06 8.36 15.13
N THR B 348 -19.72 8.45 13.82
CA THR B 348 -20.46 9.33 12.95
C THR B 348 -20.20 8.92 11.50
N PRO B 349 -21.21 8.98 10.63
CA PRO B 349 -20.97 8.72 9.21
C PRO B 349 -19.98 9.68 8.59
N ARG B 350 -19.82 10.87 9.17
CA ARG B 350 -18.91 11.89 8.67
C ARG B 350 -17.55 11.84 9.37
N TYR B 351 -17.15 10.65 9.81
CA TYR B 351 -15.95 10.54 10.63
C TYR B 351 -14.71 11.04 9.88
N ASN B 352 -14.66 10.85 8.56
CA ASN B 352 -13.45 11.25 7.84
C ASN B 352 -13.18 12.74 7.98
N GLU B 353 -14.23 13.55 8.04
CA GLU B 353 -14.05 15.00 8.20
C GLU B 353 -13.61 15.32 9.62
N VAL B 354 -14.12 14.59 10.59
CA VAL B 354 -13.67 14.76 11.97
C VAL B 354 -12.19 14.41 12.08
N SER B 355 -11.82 13.28 11.49
CA SER B 355 -10.43 12.83 11.52
C SER B 355 -9.50 13.81 10.81
N GLU B 356 -9.90 14.29 9.63
CA GLU B 356 -9.03 15.21 8.90
C GLU B 356 -8.74 16.46 9.73
N THR B 357 -9.79 17.04 10.32
CA THR B 357 -9.62 18.24 11.13
C THR B 357 -8.64 18.02 12.28
N ILE B 358 -8.80 16.92 13.03
CA ILE B 358 -7.98 16.71 14.21
C ILE B 358 -6.54 16.37 13.82
N ARG B 359 -6.36 15.44 12.88
CA ARG B 359 -5.01 14.98 12.58
C ARG B 359 -4.18 16.05 11.89
N THR B 360 -4.81 16.95 11.12
CA THR B 360 -4.06 18.05 10.51
C THR B 360 -3.69 19.12 11.53
N THR B 361 -4.52 19.29 12.56
CA THR B 361 -4.17 20.23 13.64
C THR B 361 -3.01 19.69 14.46
N VAL B 362 -3.08 18.43 14.88
CA VAL B 362 -1.99 17.84 15.65
C VAL B 362 -0.68 17.95 14.88
N ASN B 363 -0.72 17.57 13.59
CA ASN B 363 0.48 17.61 12.76
C ASN B 363 1.02 19.04 12.63
N GLY B 364 0.13 20.01 12.39
CA GLY B 364 0.57 21.39 12.25
C GLY B 364 1.21 21.94 13.52
N VAL B 365 0.63 21.63 14.68
CA VAL B 365 1.20 22.08 15.94
C VAL B 365 2.59 21.47 16.13
N LEU B 366 2.71 20.17 15.87
CA LEU B 366 3.98 19.46 16.08
C LEU B 366 5.02 19.84 15.04
N ALA B 367 4.59 20.31 13.87
CA ALA B 367 5.52 20.81 12.87
C ALA B 367 5.95 22.25 13.13
N GLY B 368 5.37 22.90 14.13
CA GLY B 368 5.74 24.25 14.47
C GLY B 368 5.11 25.34 13.62
N VAL B 369 4.06 25.02 12.86
CA VAL B 369 3.42 26.04 12.01
C VAL B 369 2.24 26.72 12.69
N MET B 370 1.80 26.23 13.84
N MET B 370 1.82 26.26 13.86
CA MET B 370 0.68 26.84 14.55
CA MET B 370 0.68 26.82 14.55
C MET B 370 0.85 26.54 16.04
C MET B 370 0.82 26.53 16.03
N THR B 371 0.46 27.50 16.87
CA THR B 371 0.54 27.30 18.31
C THR B 371 -0.60 26.41 18.80
N PRO B 372 -0.42 25.78 19.96
CA PRO B 372 -1.53 25.01 20.56
C PRO B 372 -2.82 25.82 20.66
N GLU B 373 -2.74 27.08 21.09
CA GLU B 373 -3.93 27.91 21.20
C GLU B 373 -4.65 28.03 19.86
N ASP B 374 -3.90 28.31 18.78
CA ASP B 374 -4.53 28.54 17.50
C ASP B 374 -5.07 27.25 16.89
N GLY B 375 -4.38 26.13 17.13
CA GLY B 375 -4.90 24.85 16.65
C GLY B 375 -6.22 24.48 17.31
N ALA B 376 -6.34 24.73 18.61
CA ALA B 376 -7.59 24.43 19.29
C ALA B 376 -8.74 25.27 18.73
N LYS B 377 -8.50 26.56 18.50
CA LYS B 377 -9.54 27.42 17.94
C LYS B 377 -9.98 26.91 16.57
N GLN B 378 -9.02 26.62 15.68
CA GLN B 378 -9.38 26.17 14.35
C GLN B 378 -10.05 24.80 14.39
N MET B 379 -9.60 23.93 15.30
CA MET B 379 -10.22 22.61 15.40
C MET B 379 -11.68 22.71 15.84
N GLU B 380 -11.96 23.50 16.86
CA GLU B 380 -13.34 23.67 17.29
C GLU B 380 -14.18 24.32 16.20
N SER B 381 -13.65 25.34 15.54
CA SER B 381 -14.40 26.00 14.47
C SER B 381 -14.82 25.01 13.40
N ARG B 382 -13.93 24.09 13.03
CA ARG B 382 -14.24 23.18 11.94
C ARG B 382 -15.09 22.00 12.41
N LEU B 383 -14.87 21.51 13.63
CA LEU B 383 -15.71 20.42 14.12
C LEU B 383 -17.16 20.86 14.27
N ARG B 384 -17.39 22.11 14.69
CA ARG B 384 -18.77 22.58 14.86
C ARG B 384 -19.57 22.47 13.56
N ARG B 385 -18.90 22.43 12.41
CA ARG B 385 -19.57 22.35 11.11
C ARG B 385 -19.90 20.93 10.69
N VAL B 386 -19.38 19.95 11.43
CA VAL B 386 -19.48 18.55 11.02
C VAL B 386 -20.25 17.70 12.01
N LEU B 387 -20.34 18.10 13.27
CA LEU B 387 -21.00 17.34 14.30
C LEU B 387 -22.31 18.04 14.65
N ARG B 388 -23.14 17.33 15.40
CA ARG B 388 -24.41 17.87 15.84
C ARG B 388 -24.20 18.70 17.09
N LEU B 389 -24.91 19.82 17.19
CA LEU B 389 -24.76 20.72 18.32
C LEU B 389 -25.93 20.61 19.29
#